data_8XGQ
#
_entry.id   8XGQ
#
_cell.length_a   58.593
_cell.length_b   64.925
_cell.length_c   84.423
_cell.angle_alpha   109.920
_cell.angle_beta   94.240
_cell.angle_gamma   109.060
#
_symmetry.space_group_name_H-M   'P 1'
#
loop_
_entity.id
_entity.type
_entity.pdbx_description
1 polymer LtpM1
2 non-polymer "URIDINE-5'-DIPHOSPHATE"
#
_entity_poly.entity_id   1
_entity_poly.type   'polypeptide(L)'
_entity_poly.pdbx_seq_one_letter_code
;SVIHYLWVGLPTKMNSSASIAGHDVAGPIKMAKALQSQAQGKPINPIKFWCLEQHQDFYQKLFNDAGVTIEVCGIEEIIR
QESQGELRDQALFVQKFLNDNLPSGQNSDIKQRVMFKDLFSLFLLVCQPGYFLDTNVFPATDREINLPGRDTVATAKSGF
QKSNDFYLMYSPQRNDSQMSEIFDIWARNPSFGNLLCFSGSHVPYIEIEDLGVQKISYKSYWGAKLPGLFFWLERNNRQL
FEENLPYGDINQQLACSFSRKSLAPCSVCYAEEAEPEKLLAMPFTTNEAYIATKANQIFYVNKTTKECVCVSDQFSSLFN
CLPDRFHKEKIRLASESEINQLIRSLDNFSHPSYIVNIADGTLLHHAVLSNNIKQVIMLLELGAKFDLKASYQIKPEGTV
LKFTPLELANYLKHEAIATLLQSHRI
;
_entity_poly.pdbx_strand_id   B,A
#
# COMPACT_ATOMS: atom_id res chain seq x y z
N SER A 1 -16.12 -4.32 45.70
CA SER A 1 -15.44 -5.55 45.35
C SER A 1 -15.89 -6.06 43.98
N VAL A 2 -16.32 -5.15 43.13
CA VAL A 2 -16.77 -5.50 41.78
C VAL A 2 -15.78 -5.03 40.73
N ILE A 3 -15.60 -5.83 39.69
CA ILE A 3 -14.68 -5.50 38.61
C ILE A 3 -15.42 -5.27 37.29
N HIS A 4 -15.31 -4.07 36.75
CA HIS A 4 -15.96 -3.72 35.50
C HIS A 4 -14.92 -3.71 34.39
N TYR A 5 -14.94 -4.73 33.54
CA TYR A 5 -14.16 -4.70 32.31
C TYR A 5 -15.05 -4.18 31.20
N LEU A 6 -14.46 -3.48 30.24
CA LEU A 6 -15.24 -2.82 29.20
C LEU A 6 -14.52 -2.91 27.87
N TRP A 7 -15.24 -3.33 26.84
CA TRP A 7 -14.74 -3.33 25.47
C TRP A 7 -15.80 -2.74 24.55
N VAL A 8 -15.44 -1.70 23.82
CA VAL A 8 -16.31 -1.05 22.86
C VAL A 8 -15.77 -1.34 21.46
N GLY A 9 -16.58 -2.00 20.63
CA GLY A 9 -16.24 -2.33 19.26
C GLY A 9 -16.47 -3.80 18.97
N LEU A 10 -16.04 -4.24 17.78
CA LEU A 10 -16.25 -5.65 17.49
C LEU A 10 -15.19 -6.52 18.17
N PRO A 11 -15.55 -7.74 18.50
CA PRO A 11 -14.58 -8.68 19.09
C PRO A 11 -13.36 -8.86 18.21
N THR A 12 -12.19 -8.89 18.87
CA THR A 12 -10.91 -8.95 18.16
C THR A 12 -10.83 -10.09 17.15
N LYS A 13 -11.58 -11.17 17.37
CA LYS A 13 -11.61 -12.24 16.38
C LYS A 13 -12.25 -11.75 15.08
N MET A 14 -13.44 -11.17 15.18
CA MET A 14 -14.18 -10.72 14.02
C MET A 14 -13.65 -9.42 13.42
N ASN A 15 -12.73 -8.74 14.09
CA ASN A 15 -12.12 -7.52 13.56
C ASN A 15 -10.60 -7.71 13.58
N SER A 16 -10.15 -8.78 12.92
CA SER A 16 -8.75 -9.20 12.96
C SER A 16 -7.79 -8.22 12.28
N SER A 17 -8.29 -7.18 11.61
CA SER A 17 -7.42 -6.25 10.91
C SER A 17 -7.26 -4.91 11.60
N ALA A 18 -8.22 -4.51 12.43
CA ALA A 18 -8.17 -3.23 13.13
C ALA A 18 -8.03 -3.39 14.64
N SER A 19 -7.95 -4.62 15.13
CA SER A 19 -7.84 -4.87 16.56
C SER A 19 -6.61 -5.73 16.83
N ILE A 20 -6.15 -5.67 18.06
CA ILE A 20 -5.05 -6.49 18.53
C ILE A 20 -5.61 -7.80 19.05
N ALA A 21 -4.98 -8.91 18.69
CA ALA A 21 -5.51 -10.22 19.07
C ALA A 21 -5.57 -10.35 20.58
N GLY A 22 -6.77 -10.48 21.09
CA GLY A 22 -7.00 -10.65 22.50
C GLY A 22 -6.87 -9.37 23.24
N HIS A 23 -7.27 -8.29 22.61
CA HIS A 23 -7.17 -6.99 23.22
C HIS A 23 -8.34 -6.69 24.10
N ASP A 24 -9.35 -7.53 24.05
CA ASP A 24 -10.56 -7.34 24.84
C ASP A 24 -10.78 -8.40 25.90
N VAL A 25 -10.16 -9.57 25.76
CA VAL A 25 -10.48 -10.70 26.63
C VAL A 25 -9.27 -11.30 27.32
N ALA A 26 -8.03 -11.03 26.88
CA ALA A 26 -6.88 -11.69 27.50
C ALA A 26 -6.76 -11.28 28.96
N GLY A 27 -6.80 -9.98 29.24
CA GLY A 27 -6.79 -9.48 30.58
C GLY A 27 -7.92 -10.05 31.42
N PRO A 28 -9.17 -9.90 30.96
CA PRO A 28 -10.29 -10.48 31.72
C PRO A 28 -10.18 -11.97 31.93
N ILE A 29 -9.70 -12.73 30.93
CA ILE A 29 -9.49 -14.16 31.13
C ILE A 29 -8.38 -14.40 32.15
N LYS A 30 -7.24 -13.74 31.98
CA LYS A 30 -6.14 -13.91 32.91
C LYS A 30 -6.52 -13.45 34.31
N MET A 31 -7.32 -12.38 34.41
CA MET A 31 -7.76 -11.91 35.73
C MET A 31 -8.68 -12.92 36.41
N ALA A 32 -9.78 -13.29 35.75
CA ALA A 32 -10.70 -14.27 36.32
C ALA A 32 -9.99 -15.59 36.61
N LYS A 33 -9.10 -16.03 35.71
CA LYS A 33 -8.31 -17.22 35.97
C LYS A 33 -7.44 -17.03 37.21
N ALA A 34 -6.90 -15.83 37.38
CA ALA A 34 -6.07 -15.54 38.55
C ALA A 34 -6.91 -15.19 39.77
N LEU A 35 -8.11 -14.63 39.57
CA LEU A 35 -8.94 -14.26 40.72
C LEU A 35 -9.40 -15.50 41.49
N GLN A 36 -9.58 -16.61 40.79
CA GLN A 36 -10.01 -17.84 41.43
C GLN A 36 -8.83 -18.80 41.63
N SER A 37 -7.63 -18.23 41.69
CA SER A 37 -6.42 -19.03 41.88
C SER A 37 -5.70 -18.62 43.16
N GLN A 38 -6.26 -17.64 43.87
CA GLN A 38 -5.67 -17.15 45.11
C GLN A 38 -6.61 -17.39 46.29
N ALA A 39 -7.84 -16.90 46.16
CA ALA A 39 -8.83 -17.06 47.21
C ALA A 39 -9.27 -18.51 47.34
N GLN A 40 -8.55 -19.28 48.15
CA GLN A 40 -8.85 -20.68 48.36
C GLN A 40 -10.31 -20.91 48.76
N GLY A 41 -10.87 -20.01 49.58
CA GLY A 41 -12.23 -20.16 50.05
C GLY A 41 -13.31 -19.83 49.05
N LYS A 42 -14.15 -18.85 49.38
CA LYS A 42 -15.23 -18.42 48.50
C LYS A 42 -15.08 -17.01 47.98
N PRO A 43 -14.41 -16.16 48.74
CA PRO A 43 -14.21 -14.76 48.40
C PRO A 43 -13.75 -14.51 46.98
N ILE A 44 -14.65 -14.22 46.05
CA ILE A 44 -14.22 -13.94 44.69
C ILE A 44 -14.79 -12.63 44.20
N ASN A 45 -14.01 -11.90 43.43
CA ASN A 45 -14.49 -10.61 42.97
C ASN A 45 -15.42 -10.79 41.77
N PRO A 46 -16.64 -10.27 41.81
CA PRO A 46 -17.49 -10.34 40.62
C PRO A 46 -16.87 -9.58 39.46
N ILE A 47 -16.84 -10.21 38.29
CA ILE A 47 -16.29 -9.61 37.08
C ILE A 47 -17.44 -9.38 36.11
N LYS A 48 -17.60 -8.15 35.66
CA LYS A 48 -18.60 -7.77 34.68
C LYS A 48 -17.91 -7.34 33.40
N PHE A 49 -18.51 -7.69 32.27
CA PHE A 49 -17.96 -7.34 30.96
C PHE A 49 -19.02 -6.61 30.15
N TRP A 50 -18.77 -5.32 29.90
CA TRP A 50 -19.69 -4.47 29.16
C TRP A 50 -19.24 -4.36 27.71
N CYS A 51 -20.15 -4.69 26.81
CA CYS A 51 -19.94 -4.67 25.38
C CYS A 51 -21.23 -4.24 24.71
N LEU A 52 -21.23 -4.13 23.39
CA LEU A 52 -22.48 -3.83 22.72
C LEU A 52 -23.26 -5.13 22.75
N GLU A 53 -24.58 -5.10 22.89
CA GLU A 53 -25.28 -6.40 22.97
C GLU A 53 -25.19 -7.33 21.76
N GLN A 54 -24.94 -6.81 20.56
CA GLN A 54 -24.82 -7.68 19.41
C GLN A 54 -23.75 -8.73 19.63
N HIS A 55 -22.86 -8.48 20.58
CA HIS A 55 -21.85 -9.46 20.92
C HIS A 55 -21.95 -9.94 22.38
N GLN A 56 -23.13 -9.85 22.99
CA GLN A 56 -23.28 -10.46 24.31
C GLN A 56 -23.20 -11.98 24.23
N ASP A 57 -23.98 -12.58 23.33
CA ASP A 57 -23.95 -14.04 23.22
C ASP A 57 -22.59 -14.53 22.76
N PHE A 58 -21.90 -13.76 21.92
CA PHE A 58 -20.55 -14.15 21.50
C PHE A 58 -19.56 -13.99 22.66
N TYR A 59 -19.60 -12.85 23.35
CA TYR A 59 -18.69 -12.65 24.46
C TYR A 59 -19.01 -13.59 25.62
N GLN A 60 -20.30 -13.81 25.87
CA GLN A 60 -20.64 -14.73 26.94
C GLN A 60 -20.17 -16.14 26.63
N LYS A 61 -20.17 -16.55 25.36
CA LYS A 61 -19.70 -17.90 25.06
C LYS A 61 -18.17 -17.97 25.21
N LEU A 62 -17.46 -16.89 24.91
CA LEU A 62 -16.00 -16.90 25.01
C LEU A 62 -15.57 -17.18 26.45
N PHE A 63 -16.20 -16.50 27.41
CA PHE A 63 -15.78 -16.61 28.81
C PHE A 63 -16.11 -17.95 29.46
N ASN A 64 -17.22 -18.62 29.09
CA ASN A 64 -17.41 -19.94 29.70
C ASN A 64 -16.63 -21.00 28.94
N ASP A 65 -16.47 -20.82 27.63
CA ASP A 65 -15.65 -21.74 26.85
C ASP A 65 -14.17 -21.63 27.19
N ALA A 66 -13.76 -20.58 27.91
CA ALA A 66 -12.42 -20.51 28.48
C ALA A 66 -12.39 -20.97 29.94
N GLY A 67 -13.53 -21.36 30.50
CA GLY A 67 -13.60 -21.84 31.87
C GLY A 67 -13.40 -20.77 32.93
N VAL A 68 -14.05 -19.62 32.77
CA VAL A 68 -13.97 -18.52 33.73
C VAL A 68 -15.38 -17.97 33.93
N THR A 69 -15.62 -17.40 35.10
CA THR A 69 -16.94 -16.87 35.45
C THR A 69 -16.93 -15.36 35.27
N ILE A 70 -17.55 -14.88 34.20
CA ILE A 70 -17.63 -13.46 33.88
C ILE A 70 -19.03 -13.22 33.33
N GLU A 71 -19.86 -12.54 34.10
CA GLU A 71 -21.20 -12.21 33.63
C GLU A 71 -21.08 -11.04 32.65
N VAL A 72 -21.44 -11.30 31.40
CA VAL A 72 -21.34 -10.29 30.35
C VAL A 72 -22.55 -9.38 30.41
N CYS A 73 -22.29 -8.09 30.33
CA CYS A 73 -23.33 -7.11 30.40
C CYS A 73 -23.41 -6.35 29.11
N GLY A 74 -24.50 -5.64 28.92
CA GLY A 74 -24.65 -4.91 27.70
C GLY A 74 -24.61 -3.43 27.92
N ILE A 75 -24.19 -2.71 26.89
CA ILE A 75 -24.12 -1.29 26.98
C ILE A 75 -25.54 -0.81 27.15
N GLU A 76 -26.39 -1.14 26.18
CA GLU A 76 -27.78 -0.71 26.19
C GLU A 76 -28.59 -1.37 27.29
N GLU A 77 -28.31 -2.62 27.62
CA GLU A 77 -29.05 -3.36 28.65
C GLU A 77 -29.30 -2.62 29.96
N ILE A 78 -28.28 -1.92 30.46
CA ILE A 78 -28.43 -1.18 31.69
C ILE A 78 -28.85 0.22 31.37
N ILE A 79 -29.36 0.44 30.19
CA ILE A 79 -29.84 1.75 29.83
C ILE A 79 -31.32 1.63 29.51
N ARG A 80 -31.73 0.43 29.08
CA ARG A 80 -33.11 0.13 28.83
C ARG A 80 -33.66 0.27 30.23
N GLN A 81 -33.13 -0.50 31.15
CA GLN A 81 -33.49 -0.34 32.55
C GLN A 81 -32.81 0.94 32.93
N GLU A 82 -33.50 1.94 33.46
CA GLU A 82 -32.79 3.19 33.72
C GLU A 82 -31.90 3.12 34.95
N SER A 83 -32.48 3.28 36.14
CA SER A 83 -31.78 3.20 37.44
C SER A 83 -32.79 3.15 38.60
N LEU A 87 -33.42 6.76 42.57
CA LEU A 87 -34.29 7.55 41.71
C LEU A 87 -33.58 8.38 40.63
N ARG A 88 -32.28 8.59 40.78
CA ARG A 88 -31.61 9.41 39.79
C ARG A 88 -31.43 8.68 38.47
N ASP A 89 -32.49 8.73 37.67
CA ASP A 89 -32.49 8.07 36.38
C ASP A 89 -31.83 8.88 35.31
N GLN A 90 -31.82 10.19 35.47
CA GLN A 90 -31.35 11.03 34.36
C GLN A 90 -29.86 10.79 34.09
N ALA A 91 -29.61 9.79 33.24
CA ALA A 91 -28.29 9.49 32.68
C ALA A 91 -28.29 9.55 31.16
N LEU A 92 -29.43 9.87 30.54
CA LEU A 92 -29.68 9.70 29.12
C LEU A 92 -28.64 10.37 28.22
N PHE A 93 -27.84 11.29 28.75
CA PHE A 93 -26.80 11.94 27.94
C PHE A 93 -25.93 10.91 27.23
N VAL A 94 -25.76 9.72 27.81
CA VAL A 94 -24.92 8.68 27.21
C VAL A 94 -25.45 8.28 25.84
N GLN A 95 -26.76 8.00 25.74
CA GLN A 95 -27.31 7.57 24.46
C GLN A 95 -27.33 8.70 23.43
N LYS A 96 -27.40 9.95 23.89
CA LYS A 96 -27.30 11.06 22.95
C LYS A 96 -25.96 11.02 22.21
N PHE A 97 -24.86 10.83 22.94
CA PHE A 97 -23.57 10.64 22.28
C PHE A 97 -23.49 9.31 21.55
N LEU A 98 -24.13 8.26 22.08
CA LEU A 98 -24.07 6.94 21.45
C LEU A 98 -24.71 6.94 20.07
N ASN A 99 -25.93 7.49 19.98
CA ASN A 99 -26.65 7.47 18.71
C ASN A 99 -26.04 8.45 17.71
N ASP A 100 -25.54 9.59 18.19
CA ASP A 100 -25.07 10.67 17.34
C ASP A 100 -23.71 10.37 16.69
N ASN A 101 -23.14 9.18 16.87
CA ASN A 101 -21.88 8.91 16.21
C ASN A 101 -21.86 7.53 15.58
N LEU A 102 -22.26 6.51 16.34
CA LEU A 102 -22.03 5.12 15.94
C LEU A 102 -23.22 4.22 16.29
N PRO A 103 -24.25 4.21 15.45
CA PRO A 103 -25.35 3.24 15.63
C PRO A 103 -25.34 2.19 14.53
N SER A 104 -24.53 2.42 13.48
CA SER A 104 -24.53 1.54 12.32
C SER A 104 -23.60 0.35 12.53
N GLY A 105 -23.23 -0.33 11.45
CA GLY A 105 -22.43 -1.53 11.53
C GLY A 105 -20.94 -1.32 11.38
N GLN A 106 -20.53 -0.55 10.36
CA GLN A 106 -19.11 -0.32 10.14
C GLN A 106 -18.47 0.29 11.39
N ASN A 107 -17.26 -0.18 11.70
CA ASN A 107 -16.58 0.29 12.90
C ASN A 107 -16.29 1.78 12.82
N SER A 108 -17.02 2.55 13.63
CA SER A 108 -16.83 3.99 13.73
C SER A 108 -15.37 4.33 13.97
N ASP A 109 -14.97 5.56 13.64
CA ASP A 109 -13.58 5.97 13.83
C ASP A 109 -13.19 5.73 15.29
N ILE A 110 -11.99 5.13 15.47
CA ILE A 110 -11.57 4.61 16.77
C ILE A 110 -11.71 5.65 17.88
N LYS A 111 -11.30 6.89 17.60
CA LYS A 111 -11.32 7.93 18.63
C LYS A 111 -12.72 8.14 19.21
N GLN A 112 -13.75 8.05 18.37
CA GLN A 112 -15.12 8.16 18.87
C GLN A 112 -15.50 6.98 19.77
N ARG A 113 -14.77 5.87 19.70
CA ARG A 113 -15.02 4.76 20.61
C ARG A 113 -14.30 4.94 21.94
N VAL A 114 -13.05 5.39 21.89
CA VAL A 114 -12.32 5.68 23.12
C VAL A 114 -12.99 6.81 23.88
N MET A 115 -13.60 7.76 23.17
CA MET A 115 -14.42 8.77 23.82
C MET A 115 -15.56 8.13 24.60
N PHE A 116 -16.28 7.21 23.96
CA PHE A 116 -17.38 6.54 24.65
C PHE A 116 -16.89 5.68 25.80
N LYS A 117 -15.69 5.13 25.69
CA LYS A 117 -15.18 4.31 26.76
C LYS A 117 -15.00 5.19 27.95
N ASP A 118 -14.55 6.42 27.72
CA ASP A 118 -14.36 7.33 28.82
C ASP A 118 -15.71 7.59 29.43
N LEU A 119 -16.63 8.09 28.61
CA LEU A 119 -17.97 8.50 29.05
C LEU A 119 -18.68 7.34 29.74
N PHE A 120 -18.72 6.17 29.11
CA PHE A 120 -19.45 5.04 29.67
C PHE A 120 -18.79 4.53 30.94
N SER A 121 -17.47 4.64 31.05
CA SER A 121 -16.79 4.22 32.28
C SER A 121 -17.16 5.12 33.45
N LEU A 122 -17.14 6.44 33.22
CA LEU A 122 -17.59 7.37 34.25
C LEU A 122 -19.05 7.13 34.60
N PHE A 123 -19.89 6.98 33.57
CA PHE A 123 -21.31 6.67 33.77
C PHE A 123 -21.49 5.38 34.55
N LEU A 124 -20.67 4.38 34.27
CA LEU A 124 -20.96 3.05 34.79
C LEU A 124 -20.80 3.03 36.30
N LEU A 125 -19.69 3.58 36.82
CA LEU A 125 -19.44 3.63 38.25
C LEU A 125 -20.45 4.52 38.98
N VAL A 126 -21.09 5.45 38.27
CA VAL A 126 -22.15 6.23 38.89
C VAL A 126 -23.34 5.34 39.25
N CYS A 127 -23.69 4.42 38.34
CA CYS A 127 -24.80 3.52 38.59
C CYS A 127 -24.41 2.35 39.48
N GLN A 128 -23.29 1.69 39.15
CA GLN A 128 -22.87 0.47 39.83
C GLN A 128 -21.51 0.66 40.47
N PRO A 129 -21.39 0.58 41.80
CA PRO A 129 -20.11 0.81 42.45
C PRO A 129 -19.14 -0.34 42.23
N GLY A 130 -17.86 -0.05 42.49
CA GLY A 130 -16.81 -1.03 42.33
C GLY A 130 -15.63 -0.49 41.54
N TYR A 131 -14.89 -1.37 40.89
CA TYR A 131 -13.74 -0.98 40.08
C TYR A 131 -14.12 -0.93 38.61
N PHE A 132 -13.27 -0.25 37.84
CA PHE A 132 -13.33 -0.28 36.38
C PHE A 132 -11.90 -0.42 35.87
N LEU A 133 -11.68 -1.39 35.00
CA LEU A 133 -10.38 -1.59 34.41
C LEU A 133 -10.50 -1.65 32.90
N ASP A 134 -9.52 -1.06 32.21
CA ASP A 134 -9.36 -1.40 30.81
C ASP A 134 -9.03 -2.88 30.70
N THR A 135 -9.42 -3.49 29.58
CA THR A 135 -9.07 -4.88 29.33
C THR A 135 -7.55 -5.08 29.24
N ASN A 136 -6.80 -4.01 29.25
CA ASN A 136 -5.35 -4.06 29.22
C ASN A 136 -4.78 -4.20 30.60
N VAL A 137 -5.62 -4.37 31.59
CA VAL A 137 -5.15 -4.48 32.92
C VAL A 137 -5.17 -5.90 33.32
N PHE A 138 -4.02 -6.55 33.25
CA PHE A 138 -3.94 -7.92 33.67
C PHE A 138 -3.45 -7.97 35.08
N PRO A 139 -3.24 -9.19 35.58
CA PRO A 139 -2.73 -9.54 36.90
C PRO A 139 -1.23 -9.45 36.92
N ALA A 140 -0.64 -9.03 38.02
CA ALA A 140 0.80 -8.93 38.10
C ALA A 140 1.42 -10.33 38.19
N THR A 141 2.67 -10.44 37.78
CA THR A 141 3.36 -11.72 37.72
C THR A 141 3.79 -12.16 39.11
N ASP A 142 3.42 -13.38 39.49
CA ASP A 142 3.83 -14.02 40.74
C ASP A 142 3.42 -13.22 41.98
N ARG A 143 2.49 -12.27 41.82
CA ARG A 143 1.98 -11.47 42.92
C ARG A 143 0.56 -11.89 43.27
N GLU A 144 0.01 -11.25 44.29
CA GLU A 144 -1.35 -11.54 44.76
C GLU A 144 -2.28 -10.41 44.36
N ILE A 145 -3.42 -10.78 43.76
CA ILE A 145 -4.41 -9.81 43.34
C ILE A 145 -5.24 -9.38 44.54
N ASN A 146 -5.30 -8.07 44.79
CA ASN A 146 -6.02 -7.53 45.93
C ASN A 146 -6.81 -6.31 45.49
N LEU A 147 -8.13 -6.45 45.37
CA LEU A 147 -9.03 -5.38 44.92
C LEU A 147 -10.02 -5.13 46.05
N PRO A 148 -9.62 -4.40 47.09
CA PRO A 148 -10.50 -4.17 48.23
C PRO A 148 -11.53 -3.09 47.92
N GLY A 149 -12.31 -2.74 48.94
CA GLY A 149 -13.32 -1.72 48.80
C GLY A 149 -13.14 -0.57 49.76
N ARG A 150 -12.77 0.61 49.25
CA ARG A 150 -12.44 1.72 50.12
C ARG A 150 -13.63 2.65 50.33
N ASP A 151 -13.35 3.92 50.64
CA ASP A 151 -14.37 4.85 51.10
C ASP A 151 -14.53 6.10 50.24
N THR A 152 -13.60 6.37 49.33
CA THR A 152 -13.69 7.54 48.46
C THR A 152 -13.59 7.11 47.01
N VAL A 153 -13.98 8.03 46.13
CA VAL A 153 -13.76 7.86 44.69
C VAL A 153 -12.30 8.15 44.42
N ALA A 154 -11.57 7.15 43.95
CA ALA A 154 -10.15 7.28 43.67
C ALA A 154 -9.77 6.63 42.38
N THR A 155 -8.77 7.16 41.71
CA THR A 155 -8.31 6.58 40.45
C THR A 155 -6.86 6.24 40.55
N ALA A 156 -6.27 5.85 39.43
CA ALA A 156 -4.87 5.51 39.42
C ALA A 156 -4.10 6.65 38.84
N LYS A 157 -2.81 6.68 39.12
CA LYS A 157 -1.94 7.76 38.69
C LYS A 157 -1.81 7.84 37.19
N SER A 158 -1.94 9.05 36.64
CA SER A 158 -1.80 9.24 35.21
C SER A 158 -0.39 8.93 34.93
N GLY A 159 -0.20 7.70 34.57
CA GLY A 159 1.08 7.14 34.23
C GLY A 159 2.07 7.85 33.33
N PHE A 160 1.59 8.82 32.55
CA PHE A 160 2.44 9.55 31.64
C PHE A 160 2.49 11.02 31.99
N GLN A 161 1.65 11.43 32.95
CA GLN A 161 1.56 12.83 33.36
C GLN A 161 1.73 12.99 34.86
N LYS A 162 0.92 13.85 35.46
CA LYS A 162 0.95 14.03 36.91
C LYS A 162 -0.48 14.32 37.40
N SER A 163 -1.39 13.37 37.16
CA SER A 163 -2.78 13.56 37.55
C SER A 163 -3.46 12.20 37.60
N ASN A 164 -4.77 12.18 37.40
CA ASN A 164 -5.54 10.95 37.36
C ASN A 164 -5.58 10.38 35.94
N ASP A 165 -6.20 9.21 35.79
CA ASP A 165 -6.31 8.58 34.48
C ASP A 165 -7.48 7.61 34.52
N PHE A 166 -8.01 7.29 33.33
CA PHE A 166 -9.19 6.45 33.22
C PHE A 166 -8.90 4.96 33.39
N TYR A 167 -7.68 4.56 33.11
CA TYR A 167 -7.34 3.16 33.10
C TYR A 167 -7.66 2.36 34.31
N LEU A 168 -8.02 3.00 35.39
CA LEU A 168 -8.39 2.31 36.63
C LEU A 168 -9.09 3.31 37.49
N MET A 169 -10.30 3.01 37.92
CA MET A 169 -11.07 3.90 38.75
C MET A 169 -11.84 3.10 39.77
N TYR A 170 -12.38 3.77 40.77
CA TYR A 170 -13.18 3.15 41.81
C TYR A 170 -14.19 4.15 42.36
N SER A 171 -15.39 3.66 42.68
CA SER A 171 -16.44 4.42 43.35
C SER A 171 -17.07 3.54 44.41
N PRO A 172 -17.37 4.07 45.60
CA PRO A 172 -17.83 3.20 46.70
C PRO A 172 -19.34 3.03 46.79
N GLN A 173 -20.11 4.04 46.38
CA GLN A 173 -21.56 4.00 46.48
C GLN A 173 -22.18 4.49 45.18
N ARG A 174 -23.42 4.06 44.94
CA ARG A 174 -24.15 4.55 43.77
C ARG A 174 -24.36 6.05 43.87
N ASN A 175 -23.99 6.76 42.81
CA ASN A 175 -24.12 8.21 42.73
C ASN A 175 -23.52 8.88 43.96
N ASP A 176 -22.22 8.65 44.16
CA ASP A 176 -21.51 9.39 45.18
C ASP A 176 -21.34 10.82 44.66
N SER A 177 -21.51 11.79 45.56
CA SER A 177 -21.51 13.20 45.17
C SER A 177 -20.17 13.63 44.58
N GLN A 178 -19.20 12.72 44.54
CA GLN A 178 -17.91 12.97 43.90
C GLN A 178 -17.81 12.33 42.52
N MET A 179 -18.30 11.10 42.37
CA MET A 179 -18.31 10.48 41.04
C MET A 179 -19.28 11.21 40.12
N SER A 180 -20.46 11.56 40.63
CA SER A 180 -21.47 12.25 39.83
C SER A 180 -20.96 13.60 39.31
N GLU A 181 -20.25 14.35 40.16
CA GLU A 181 -19.76 15.65 39.73
C GLU A 181 -18.70 15.52 38.66
N ILE A 182 -17.86 14.47 38.75
CA ILE A 182 -16.85 14.22 37.71
C ILE A 182 -17.52 13.95 36.37
N PHE A 183 -18.66 13.25 36.39
CA PHE A 183 -19.39 12.95 35.16
C PHE A 183 -19.84 14.22 34.46
N ASP A 184 -20.38 15.19 35.21
CA ASP A 184 -20.93 16.39 34.57
C ASP A 184 -19.85 17.23 33.92
N ILE A 185 -18.63 17.20 34.45
CA ILE A 185 -17.53 17.93 33.84
C ILE A 185 -17.17 17.32 32.49
N TRP A 186 -17.34 16.01 32.33
CA TRP A 186 -17.11 15.40 31.03
C TRP A 186 -18.19 15.82 30.04
N ALA A 187 -19.43 15.98 30.51
CA ALA A 187 -20.53 16.33 29.63
C ALA A 187 -20.47 17.78 29.16
N ARG A 188 -19.73 18.64 29.89
CA ARG A 188 -19.68 20.05 29.52
C ARG A 188 -18.68 20.30 28.41
N ASN A 189 -17.60 19.54 28.38
CA ASN A 189 -16.65 19.55 27.28
C ASN A 189 -16.21 18.13 26.96
N PRO A 190 -17.09 17.35 26.31
CA PRO A 190 -16.71 15.98 25.96
C PRO A 190 -15.70 15.98 24.82
N SER A 191 -14.60 15.25 25.01
CA SER A 191 -13.52 15.22 24.05
C SER A 191 -12.63 14.02 24.32
N PHE A 192 -11.57 13.88 23.52
CA PHE A 192 -10.76 12.67 23.46
C PHE A 192 -9.80 12.63 24.65
N GLY A 193 -10.15 11.85 25.66
CA GLY A 193 -9.29 11.70 26.82
C GLY A 193 -9.19 12.95 27.67
N ASN A 194 -10.31 13.63 27.91
CA ASN A 194 -10.30 14.86 28.69
C ASN A 194 -9.96 14.53 30.13
N LEU A 195 -8.71 14.80 30.52
CA LEU A 195 -8.26 14.51 31.87
C LEU A 195 -8.64 15.62 32.85
N LEU A 196 -9.33 16.65 32.38
CA LEU A 196 -9.70 17.78 33.23
C LEU A 196 -11.02 17.58 33.97
N CYS A 197 -11.74 16.48 33.71
CA CYS A 197 -12.93 16.22 34.53
C CYS A 197 -12.53 15.87 35.97
N PHE A 198 -11.36 15.28 36.16
CA PHE A 198 -10.85 15.03 37.49
C PHE A 198 -10.36 16.30 38.16
N SER A 199 -9.99 17.32 37.37
CA SER A 199 -9.55 18.59 37.92
C SER A 199 -10.70 19.41 38.49
N GLY A 200 -11.94 19.00 38.25
CA GLY A 200 -13.09 19.63 38.86
C GLY A 200 -13.21 19.28 40.33
N SER A 201 -12.23 18.55 40.84
CA SER A 201 -12.14 18.25 42.27
C SER A 201 -10.68 17.94 42.58
N HIS A 202 -10.46 17.21 43.68
CA HIS A 202 -9.13 16.66 44.02
C HIS A 202 -9.33 15.16 44.20
N VAL A 203 -9.30 14.43 43.10
CA VAL A 203 -9.51 12.98 43.12
C VAL A 203 -8.34 12.29 43.81
N PRO A 204 -8.57 11.49 44.84
CA PRO A 204 -7.49 10.69 45.44
C PRO A 204 -6.86 9.74 44.41
N TYR A 205 -5.67 9.26 44.72
CA TYR A 205 -4.90 8.39 43.85
C TYR A 205 -4.82 6.99 44.43
N ILE A 206 -4.84 5.99 43.55
CA ILE A 206 -4.65 4.58 43.89
C ILE A 206 -3.36 4.11 43.26
N GLU A 207 -2.50 3.46 44.05
CA GLU A 207 -1.30 2.85 43.48
C GLU A 207 -1.70 1.52 42.83
N ILE A 208 -1.58 1.46 41.51
CA ILE A 208 -2.01 0.26 40.79
C ILE A 208 -1.16 -0.94 41.19
N GLU A 209 0.08 -0.71 41.58
CA GLU A 209 0.96 -1.82 41.97
C GLU A 209 0.52 -2.44 43.29
N ASP A 210 -0.04 -1.63 44.20
CA ASP A 210 -0.48 -2.13 45.48
C ASP A 210 -1.73 -3.02 45.39
N LEU A 211 -2.37 -3.07 44.22
CA LEU A 211 -3.50 -3.96 44.01
C LEU A 211 -3.09 -5.32 43.49
N GLY A 212 -1.84 -5.49 43.06
CA GLY A 212 -1.42 -6.73 42.44
C GLY A 212 -1.78 -6.85 40.99
N VAL A 213 -2.07 -5.73 40.35
CA VAL A 213 -2.40 -5.69 38.93
C VAL A 213 -1.48 -4.73 38.20
N GLN A 214 -1.55 -4.71 36.89
CA GLN A 214 -0.70 -3.83 36.12
C GLN A 214 -1.32 -3.42 34.82
N LYS A 215 -0.95 -2.25 34.32
CA LYS A 215 -1.50 -1.74 33.11
C LYS A 215 -0.54 -1.78 31.99
N ILE A 216 -1.02 -2.10 30.81
CA ILE A 216 -0.18 -2.12 29.63
C ILE A 216 -0.83 -1.16 28.67
N SER A 217 -0.04 -0.38 27.97
CA SER A 217 -0.53 0.60 27.04
C SER A 217 -0.35 0.10 25.66
N TYR A 218 -1.41 -0.21 24.96
CA TYR A 218 -1.23 -0.66 23.61
C TYR A 218 -1.23 0.48 22.64
N LYS A 219 -1.62 1.66 23.11
CA LYS A 219 -1.66 2.89 22.32
C LYS A 219 -2.34 2.68 21.01
N SER A 220 -3.52 2.11 21.05
CA SER A 220 -4.23 1.76 19.86
C SER A 220 -5.07 2.84 19.20
N TYR A 221 -4.48 3.97 18.92
CA TYR A 221 -5.19 5.03 18.23
C TYR A 221 -4.11 5.90 17.68
N TRP A 222 -2.94 5.81 18.27
CA TRP A 222 -1.86 6.62 17.77
C TRP A 222 -1.56 6.05 16.43
N GLY A 223 -2.10 6.68 15.39
CA GLY A 223 -1.89 6.18 14.06
C GLY A 223 -2.33 4.76 13.84
N ALA A 224 -1.55 4.08 13.03
CA ALA A 224 -1.75 2.71 12.62
C ALA A 224 -0.79 1.80 13.38
N LYS A 225 -1.04 0.50 13.29
CA LYS A 225 -0.30 -0.46 14.09
C LYS A 225 -0.32 -1.81 13.38
N LEU A 226 0.24 -2.83 14.03
CA LEU A 226 0.17 -4.16 13.46
C LEU A 226 -1.08 -4.87 13.95
N PRO A 227 -1.72 -5.65 13.08
CA PRO A 227 -3.03 -6.22 13.41
C PRO A 227 -2.95 -7.61 14.02
N GLY A 228 -3.98 -7.92 14.81
CA GLY A 228 -4.16 -9.26 15.34
C GLY A 228 -2.94 -9.85 16.02
N LEU A 229 -2.50 -11.00 15.55
CA LEU A 229 -1.34 -11.68 16.12
C LEU A 229 -0.02 -11.07 15.65
N PHE A 230 -0.04 -10.21 14.62
CA PHE A 230 1.19 -9.58 14.17
C PHE A 230 1.77 -8.65 15.23
N PHE A 231 0.90 -8.07 16.06
CA PHE A 231 1.36 -7.21 17.15
C PHE A 231 2.23 -7.96 18.14
N TRP A 232 1.92 -9.23 18.39
CA TRP A 232 2.65 -10.07 19.32
C TRP A 232 3.86 -10.75 18.69
N LEU A 233 3.79 -11.06 17.40
CA LEU A 233 4.95 -11.64 16.72
C LEU A 233 6.12 -10.67 16.72
N GLU A 234 5.85 -9.37 16.71
CA GLU A 234 6.94 -8.39 16.72
C GLU A 234 7.59 -8.26 18.07
N ARG A 235 6.87 -8.57 19.16
CA ARG A 235 7.50 -8.53 20.48
C ARG A 235 8.48 -9.69 20.67
N ASN A 236 8.37 -10.72 19.83
CA ASN A 236 9.34 -11.82 19.74
C ASN A 236 9.43 -12.69 21.01
N ASN A 237 8.73 -12.32 22.06
CA ASN A 237 8.67 -13.20 23.23
C ASN A 237 7.76 -14.36 22.85
N ARG A 238 8.35 -15.53 22.59
CA ARG A 238 7.56 -16.71 22.24
C ARG A 238 6.52 -17.01 23.31
N GLN A 239 6.83 -16.70 24.56
CA GLN A 239 5.83 -16.82 25.63
C GLN A 239 4.63 -15.93 25.32
N LEU A 240 4.89 -14.68 24.93
CA LEU A 240 3.81 -13.72 24.69
C LEU A 240 2.96 -14.14 23.50
N PHE A 241 3.59 -14.68 22.46
CA PHE A 241 2.84 -15.15 21.29
C PHE A 241 1.98 -16.35 21.64
N GLU A 242 2.58 -17.36 22.29
CA GLU A 242 1.83 -18.54 22.68
C GLU A 242 0.67 -18.18 23.60
N GLU A 243 0.83 -17.15 24.42
CA GLU A 243 -0.23 -16.75 25.34
C GLU A 243 -1.43 -16.18 24.60
N ASN A 244 -1.18 -15.30 23.62
CA ASN A 244 -2.25 -14.60 22.92
C ASN A 244 -2.73 -15.33 21.67
N LEU A 245 -2.01 -16.35 21.21
CA LEU A 245 -2.46 -17.13 20.06
C LEU A 245 -3.85 -17.72 20.23
N PRO A 246 -4.31 -18.15 21.41
CA PRO A 246 -5.71 -18.61 21.53
C PRO A 246 -6.75 -17.62 21.03
N TYR A 247 -6.44 -16.32 21.05
CA TYR A 247 -7.41 -15.27 20.75
C TYR A 247 -7.34 -14.79 19.30
N GLY A 248 -6.71 -15.55 18.42
CA GLY A 248 -6.62 -15.18 17.01
C GLY A 248 -6.66 -16.39 16.12
N ASP A 249 -5.92 -16.31 15.02
CA ASP A 249 -5.83 -17.39 14.03
C ASP A 249 -4.44 -17.37 13.41
N ILE A 250 -3.73 -18.49 13.54
CA ILE A 250 -2.39 -18.59 12.96
C ILE A 250 -2.41 -18.48 11.45
N ASN A 251 -3.58 -18.64 10.83
CA ASN A 251 -3.71 -18.69 9.39
C ASN A 251 -4.40 -17.46 8.81
N GLN A 252 -4.68 -16.44 9.63
CA GLN A 252 -5.34 -15.25 9.13
C GLN A 252 -4.50 -14.60 8.03
N GLN A 253 -5.17 -14.20 6.94
CA GLN A 253 -4.52 -13.54 5.82
C GLN A 253 -4.84 -12.05 5.87
N LEU A 254 -3.81 -11.21 5.73
CA LEU A 254 -3.97 -9.79 5.88
C LEU A 254 -3.03 -9.07 4.92
N ALA A 255 -3.43 -7.85 4.54
CA ALA A 255 -2.57 -6.97 3.74
C ALA A 255 -1.55 -6.33 4.68
N CYS A 256 -0.33 -6.83 4.64
CA CYS A 256 0.73 -6.42 5.56
C CYS A 256 1.63 -5.39 4.86
N SER A 257 1.22 -4.12 4.93
CA SER A 257 2.00 -3.06 4.30
C SER A 257 3.37 -2.89 4.94
N PHE A 258 3.56 -3.40 6.15
CA PHE A 258 4.86 -3.34 6.81
C PHE A 258 5.85 -4.35 6.22
N SER A 259 5.38 -5.43 5.62
CA SER A 259 6.26 -6.46 5.07
C SER A 259 7.04 -5.93 3.88
N ARG A 260 8.20 -5.34 4.13
CA ARG A 260 9.06 -4.81 3.09
C ARG A 260 10.42 -5.52 3.11
N LYS A 261 11.09 -5.46 1.96
CA LYS A 261 12.43 -6.01 1.81
C LYS A 261 13.00 -5.53 0.48
N SER A 262 14.26 -5.13 0.49
CA SER A 262 14.89 -4.61 -0.72
C SER A 262 15.48 -5.74 -1.56
N LEU A 263 15.42 -5.55 -2.88
CA LEU A 263 15.94 -6.54 -3.82
C LEU A 263 17.46 -6.56 -3.78
N ALA A 264 18.09 -5.54 -4.36
CA ALA A 264 19.54 -5.40 -4.35
C ALA A 264 19.97 -4.59 -3.12
N PRO A 265 20.91 -5.09 -2.33
CA PRO A 265 21.43 -4.29 -1.22
C PRO A 265 22.19 -3.08 -1.73
N CYS A 266 21.96 -1.94 -1.10
CA CYS A 266 22.70 -0.75 -1.45
C CYS A 266 23.47 -0.27 -0.24
N SER A 267 24.32 0.72 -0.44
CA SER A 267 25.17 1.21 0.63
C SER A 267 24.87 2.61 1.17
N VAL A 268 25.62 3.04 2.17
CA VAL A 268 25.47 4.38 2.72
C VAL A 268 26.86 4.97 2.70
N CYS A 269 27.03 6.26 2.36
CA CYS A 269 28.37 6.82 2.24
C CYS A 269 28.59 8.27 2.70
N TYR A 270 29.83 8.75 2.49
CA TYR A 270 30.32 10.12 2.80
C TYR A 270 29.77 10.81 4.04
N GLU A 277 31.41 15.91 -6.15
CA GLU A 277 30.00 15.76 -5.88
C GLU A 277 29.10 15.75 -7.11
N LYS A 278 29.48 14.92 -8.06
CA LYS A 278 28.77 14.71 -9.32
C LYS A 278 29.36 13.48 -9.97
N LEU A 279 30.64 13.25 -9.74
CA LEU A 279 31.23 12.05 -10.23
C LEU A 279 30.63 11.04 -9.29
N LEU A 280 30.94 11.20 -8.00
CA LEU A 280 30.44 10.33 -6.93
C LEU A 280 30.44 8.84 -7.26
N ALA A 281 31.51 8.35 -7.86
CA ALA A 281 31.60 6.97 -8.21
C ALA A 281 32.68 6.41 -7.33
N MET A 282 32.38 6.46 -6.04
CA MET A 282 33.24 5.98 -5.00
C MET A 282 33.14 4.49 -4.96
N PRO A 283 34.11 3.85 -4.36
CA PRO A 283 34.10 2.40 -4.35
C PRO A 283 33.11 1.68 -3.45
N PHE A 284 31.81 1.85 -3.60
CA PHE A 284 30.93 1.03 -2.79
C PHE A 284 30.83 -0.31 -3.50
N THR A 285 30.55 -1.35 -2.72
CA THR A 285 30.44 -2.70 -3.26
C THR A 285 29.06 -2.98 -3.84
N THR A 286 28.09 -2.11 -3.63
CA THR A 286 26.78 -2.39 -4.17
C THR A 286 26.65 -1.80 -5.52
N ASN A 287 25.52 -2.02 -6.13
CA ASN A 287 25.29 -1.41 -7.39
C ASN A 287 24.78 0.00 -7.17
N GLU A 288 24.37 0.30 -5.95
CA GLU A 288 23.85 1.58 -5.59
C GLU A 288 23.96 1.84 -4.09
N ALA A 289 23.91 3.11 -3.79
CA ALA A 289 23.88 3.83 -2.52
C ALA A 289 23.31 5.25 -2.36
N TYR A 290 22.67 5.59 -1.23
CA TYR A 290 22.51 7.01 -0.94
C TYR A 290 23.66 7.54 -0.10
N ILE A 291 24.39 8.51 -0.63
CA ILE A 291 25.50 9.10 0.07
C ILE A 291 25.31 10.53 0.49
N ALA A 292 25.87 10.87 1.64
CA ALA A 292 25.78 12.21 2.20
C ALA A 292 26.97 12.98 1.65
N THR A 293 26.73 14.22 1.20
CA THR A 293 27.79 15.03 0.62
C THR A 293 28.55 15.89 1.62
N LYS A 294 29.53 16.60 1.07
CA LYS A 294 30.42 17.48 1.78
C LYS A 294 29.68 18.35 2.74
N ALA A 295 28.47 18.72 2.31
CA ALA A 295 27.56 19.55 3.09
C ALA A 295 26.16 19.36 2.55
N ASN A 296 25.34 20.40 2.61
CA ASN A 296 23.96 20.36 2.10
C ASN A 296 23.16 19.15 2.57
N GLN A 297 22.82 18.24 1.64
CA GLN A 297 22.01 17.05 1.90
C GLN A 297 22.49 15.74 1.26
N ILE A 298 21.54 14.88 0.84
CA ILE A 298 21.83 13.54 0.29
C ILE A 298 21.59 13.30 -1.20
N PHE A 299 22.23 12.26 -1.74
CA PHE A 299 22.12 11.90 -3.13
C PHE A 299 21.63 10.47 -3.34
N TYR A 300 21.43 10.09 -4.59
CA TYR A 300 21.03 8.75 -4.94
C TYR A 300 21.90 8.38 -6.11
N VAL A 301 22.75 7.39 -5.96
CA VAL A 301 23.65 7.02 -7.03
C VAL A 301 23.43 5.63 -7.50
N ASN A 302 23.49 5.41 -8.80
CA ASN A 302 23.31 4.07 -9.31
C ASN A 302 24.41 3.84 -10.29
N LYS A 303 25.28 2.90 -10.00
CA LYS A 303 26.41 2.65 -10.87
C LYS A 303 26.09 2.04 -12.21
N THR A 304 24.95 1.36 -12.29
CA THR A 304 24.56 0.70 -13.51
C THR A 304 24.10 1.63 -14.58
N THR A 305 23.42 2.69 -14.19
CA THR A 305 23.06 3.68 -15.15
C THR A 305 24.03 4.81 -14.88
N LYS A 306 23.60 5.95 -14.36
CA LYS A 306 24.52 7.03 -14.09
C LYS A 306 23.91 7.98 -13.15
N GLU A 307 22.62 7.87 -12.92
CA GLU A 307 21.88 8.80 -12.07
C GLU A 307 22.52 9.23 -10.78
N CYS A 308 22.42 10.51 -10.50
CA CYS A 308 22.97 11.05 -9.30
C CYS A 308 22.01 12.05 -8.78
N VAL A 309 20.77 11.64 -8.60
CA VAL A 309 19.76 12.54 -8.11
C VAL A 309 20.06 13.04 -6.72
N CYS A 310 19.68 14.28 -6.43
CA CYS A 310 19.87 14.85 -5.10
C CYS A 310 18.55 14.74 -4.37
N VAL A 311 18.51 13.97 -3.29
CA VAL A 311 17.27 13.79 -2.57
C VAL A 311 17.30 14.37 -1.16
N ASP A 324 19.78 14.27 7.85
CA ASP A 324 19.51 14.92 9.11
C ASP A 324 18.82 13.99 10.07
N ARG A 325 18.49 12.79 9.61
CA ARG A 325 17.83 11.75 10.39
C ARG A 325 17.87 10.45 9.60
N PHE A 326 17.66 9.33 10.29
CA PHE A 326 17.59 7.94 9.77
C PHE A 326 18.71 7.27 8.94
N HIS A 327 19.70 8.04 8.52
CA HIS A 327 20.83 7.50 7.76
C HIS A 327 21.91 8.53 7.97
N LYS A 328 22.97 8.22 8.70
CA LYS A 328 24.00 9.23 8.91
C LYS A 328 25.43 8.66 8.98
N GLU A 329 26.11 8.41 7.88
CA GLU A 329 27.49 7.93 7.99
C GLU A 329 28.41 9.13 7.83
N LYS A 330 29.08 9.54 8.90
CA LYS A 330 29.86 10.77 8.90
C LYS A 330 31.35 10.81 9.23
N ILE A 331 31.82 9.89 10.07
CA ILE A 331 33.22 9.84 10.45
C ILE A 331 33.79 8.43 10.32
N ARG A 332 35.09 8.29 10.54
CA ARG A 332 35.78 7.01 10.47
C ARG A 332 35.46 6.25 9.18
N LEU A 333 34.43 5.40 9.24
CA LEU A 333 34.03 4.63 8.08
C LEU A 333 32.98 5.36 7.25
N ALA A 334 33.26 5.52 5.95
CA ALA A 334 32.34 6.19 5.05
C ALA A 334 31.65 5.22 4.14
N SER A 335 32.21 4.95 2.99
CA SER A 335 31.59 4.01 2.08
C SER A 335 31.84 2.62 2.59
N GLU A 336 31.31 2.33 3.77
CA GLU A 336 31.51 1.03 4.39
C GLU A 336 30.24 0.46 4.99
N SER A 337 29.38 1.28 5.59
CA SER A 337 28.13 0.80 6.15
C SER A 337 27.23 0.30 5.02
N GLU A 338 26.10 -0.30 5.37
CA GLU A 338 25.19 -0.83 4.37
C GLU A 338 23.72 -0.84 4.77
N ILE A 339 23.04 -1.99 4.67
CA ILE A 339 21.64 -2.14 5.01
C ILE A 339 21.38 -2.04 6.48
N ASN A 340 20.14 -1.76 6.81
CA ASN A 340 19.60 -1.66 8.15
C ASN A 340 18.17 -1.36 7.78
N GLN A 341 17.69 -0.24 8.26
CA GLN A 341 16.40 0.20 7.90
C GLN A 341 16.62 1.28 6.87
N LEU A 342 17.27 0.90 5.76
CA LEU A 342 17.39 1.77 4.60
C LEU A 342 16.08 2.19 3.94
N ILE A 343 14.97 1.95 4.62
CA ILE A 343 13.72 2.40 4.12
C ILE A 343 13.91 3.90 4.28
N ARG A 344 14.32 4.52 3.19
CA ARG A 344 14.61 5.93 3.12
C ARG A 344 13.58 6.49 2.22
N SER A 345 12.51 5.75 2.08
CA SER A 345 11.44 6.13 1.24
C SER A 345 10.69 7.27 1.89
N LEU A 346 11.50 8.28 2.17
CA LEU A 346 11.12 9.59 2.61
C LEU A 346 11.50 10.40 1.34
N ASP A 347 12.61 10.04 0.68
CA ASP A 347 13.03 10.59 -0.58
C ASP A 347 12.23 9.80 -1.60
N ASN A 348 10.99 10.20 -1.86
CA ASN A 348 10.23 9.46 -2.83
C ASN A 348 10.49 10.00 -4.20
N PHE A 349 11.75 9.80 -4.55
CA PHE A 349 12.39 10.07 -5.82
C PHE A 349 12.71 8.71 -6.44
N SER A 350 13.72 8.65 -7.30
CA SER A 350 14.24 7.37 -7.74
C SER A 350 14.91 6.66 -6.56
N HIS A 351 14.61 5.38 -6.39
CA HIS A 351 15.13 4.62 -5.26
C HIS A 351 15.33 3.17 -5.68
N PRO A 352 16.05 2.39 -4.87
CA PRO A 352 16.13 0.94 -5.13
C PRO A 352 14.79 0.22 -5.00
N SER A 353 14.74 -0.95 -5.61
CA SER A 353 13.52 -1.76 -5.62
C SER A 353 13.39 -2.58 -4.34
N TYR A 354 12.19 -2.58 -3.77
CA TYR A 354 11.87 -3.28 -2.53
C TYR A 354 10.54 -4.03 -2.71
N ILE A 355 10.31 -5.08 -1.94
CA ILE A 355 9.10 -5.87 -2.12
C ILE A 355 8.11 -5.57 -1.01
N VAL A 356 6.82 -5.66 -1.33
CA VAL A 356 5.76 -5.33 -0.37
C VAL A 356 4.60 -6.31 -0.49
N ASN A 357 4.12 -6.80 0.64
CA ASN A 357 2.87 -7.53 0.70
C ASN A 357 1.70 -6.56 0.51
N ILE A 358 0.88 -6.82 -0.50
CA ILE A 358 -0.28 -5.98 -0.74
C ILE A 358 -1.59 -6.65 -0.39
N ALA A 359 -1.62 -7.98 -0.30
CA ALA A 359 -2.88 -8.67 -0.03
C ALA A 359 -2.61 -10.08 0.48
N ASP A 360 -3.37 -10.47 1.51
CA ASP A 360 -3.47 -11.87 1.96
C ASP A 360 -2.12 -12.42 2.42
N GLY A 361 -1.34 -11.59 3.11
CA GLY A 361 -0.15 -12.07 3.77
C GLY A 361 -0.46 -12.70 5.12
N THR A 362 0.46 -13.54 5.58
CA THR A 362 0.29 -14.28 6.82
C THR A 362 1.43 -13.99 7.77
N LEU A 363 1.29 -14.51 9.00
CA LEU A 363 2.40 -14.47 9.95
C LEU A 363 3.60 -15.23 9.40
N LEU A 364 3.35 -16.44 8.89
CA LEU A 364 4.42 -17.22 8.26
C LEU A 364 5.04 -16.45 7.10
N HIS A 365 4.21 -15.82 6.27
CA HIS A 365 4.74 -15.00 5.18
C HIS A 365 5.66 -13.92 5.71
N HIS A 366 5.20 -13.17 6.71
CA HIS A 366 6.04 -12.13 7.32
C HIS A 366 7.31 -12.72 7.91
N ALA A 367 7.18 -13.88 8.58
CA ALA A 367 8.35 -14.54 9.13
C ALA A 367 9.35 -14.93 8.04
N VAL A 368 8.84 -15.43 6.91
CA VAL A 368 9.72 -15.79 5.79
C VAL A 368 10.40 -14.56 5.23
N LEU A 369 9.68 -13.44 5.11
CA LEU A 369 10.28 -12.24 4.55
C LEU A 369 11.40 -11.71 5.44
N SER A 370 11.15 -11.62 6.74
CA SER A 370 12.13 -11.07 7.67
C SER A 370 13.33 -11.98 7.89
N ASN A 371 13.37 -13.15 7.25
CA ASN A 371 14.45 -14.12 7.42
C ASN A 371 14.62 -14.47 8.90
N ASN A 372 13.51 -14.81 9.54
CA ASN A 372 13.48 -15.18 10.95
C ASN A 372 13.16 -16.67 11.00
N ILE A 373 14.21 -17.50 10.94
CA ILE A 373 14.04 -18.94 10.90
C ILE A 373 13.37 -19.43 12.18
N LYS A 374 13.72 -18.84 13.32
CA LYS A 374 13.09 -19.22 14.57
C LYS A 374 11.58 -18.97 14.55
N GLN A 375 11.15 -17.84 13.98
CA GLN A 375 9.73 -17.56 13.88
C GLN A 375 9.05 -18.48 12.88
N VAL A 376 9.71 -18.76 11.74
CA VAL A 376 9.17 -19.71 10.78
C VAL A 376 8.96 -21.06 11.43
N ILE A 377 9.90 -21.48 12.29
CA ILE A 377 9.80 -22.76 12.96
C ILE A 377 8.74 -22.71 14.06
N MET A 378 8.67 -21.60 14.80
CA MET A 378 7.66 -21.48 15.86
C MET A 378 6.25 -21.57 15.29
N LEU A 379 6.00 -20.86 14.19
CA LEU A 379 4.67 -20.87 13.59
C LEU A 379 4.35 -22.24 12.99
N LEU A 380 5.30 -22.83 12.29
CA LEU A 380 5.07 -24.14 11.67
C LEU A 380 4.75 -25.20 12.71
N GLU A 381 5.32 -25.09 13.91
CA GLU A 381 5.02 -26.06 14.95
C GLU A 381 3.62 -25.84 15.51
N LEU A 382 3.24 -24.59 15.75
CA LEU A 382 1.95 -24.28 16.35
C LEU A 382 0.78 -24.53 15.41
N GLY A 383 1.02 -24.91 14.16
CA GLY A 383 -0.07 -25.34 13.30
C GLY A 383 -0.33 -24.49 12.07
N ALA A 384 0.59 -23.58 11.76
CA ALA A 384 0.40 -22.68 10.63
C ALA A 384 0.47 -23.44 9.31
N LYS A 385 -0.47 -23.17 8.41
CA LYS A 385 -0.42 -23.71 7.06
C LYS A 385 0.76 -23.09 6.32
N PHE A 386 1.43 -23.88 5.48
CA PHE A 386 2.72 -23.48 4.96
C PHE A 386 2.75 -23.16 3.48
N ASP A 387 1.62 -23.25 2.76
CA ASP A 387 1.68 -22.96 1.33
C ASP A 387 0.47 -22.13 0.88
N LEU A 388 -0.01 -21.23 1.74
CA LEU A 388 -1.04 -20.29 1.34
C LEU A 388 -0.43 -19.19 0.47
N LYS A 389 -1.27 -18.61 -0.39
CA LYS A 389 -0.82 -17.63 -1.37
C LYS A 389 -1.05 -16.20 -0.87
N ALA A 390 -0.04 -15.35 -1.08
CA ALA A 390 -0.09 -13.94 -0.72
C ALA A 390 0.32 -13.10 -1.93
N SER A 391 -0.13 -11.85 -1.94
CA SER A 391 0.09 -10.95 -3.07
C SER A 391 1.19 -9.96 -2.72
N TYR A 392 2.24 -9.93 -3.54
CA TYR A 392 3.39 -9.06 -3.34
C TYR A 392 3.60 -8.19 -4.58
N GLN A 393 4.10 -6.97 -4.36
CA GLN A 393 4.35 -6.04 -5.46
C GLN A 393 5.78 -5.51 -5.39
N ILE A 394 6.32 -5.09 -6.52
CA ILE A 394 7.67 -4.56 -6.59
C ILE A 394 7.68 -3.03 -6.61
N LYS A 395 6.70 -2.43 -5.94
CA LYS A 395 6.58 -0.99 -5.85
C LYS A 395 6.69 -0.29 -7.20
N PRO A 396 7.73 0.54 -7.38
CA PRO A 396 8.00 1.30 -8.60
C PRO A 396 7.82 0.48 -9.87
N GLU A 397 8.43 -0.70 -9.92
CA GLU A 397 8.33 -1.57 -11.10
C GLU A 397 6.87 -1.83 -11.48
N GLY A 398 6.13 -2.47 -10.58
CA GLY A 398 4.74 -2.78 -10.84
C GLY A 398 4.47 -4.27 -10.92
N THR A 399 5.51 -5.07 -10.75
CA THR A 399 5.38 -6.52 -10.81
C THR A 399 4.66 -7.06 -9.58
N VAL A 400 3.51 -7.70 -9.80
CA VAL A 400 2.73 -8.25 -8.72
C VAL A 400 2.85 -9.76 -8.78
N LEU A 401 3.33 -10.36 -7.69
CA LEU A 401 3.60 -11.78 -7.63
C LEU A 401 2.78 -12.44 -6.53
N LYS A 402 2.22 -13.60 -6.85
CA LYS A 402 1.47 -14.40 -5.88
C LYS A 402 2.36 -15.54 -5.41
N PHE A 403 2.64 -15.59 -4.11
CA PHE A 403 3.68 -16.44 -3.55
C PHE A 403 3.14 -17.28 -2.40
N THR A 404 3.50 -18.55 -2.38
CA THR A 404 3.44 -19.33 -1.16
C THR A 404 4.65 -18.99 -0.30
N PRO A 405 4.62 -19.27 1.02
CA PRO A 405 5.80 -19.00 1.85
C PRO A 405 7.06 -19.65 1.30
N LEU A 406 6.95 -20.89 0.80
CA LEU A 406 8.09 -21.51 0.13
C LEU A 406 8.49 -20.74 -1.11
N GLU A 407 7.52 -20.27 -1.89
CA GLU A 407 7.84 -19.54 -3.12
C GLU A 407 8.46 -18.18 -2.81
N LEU A 408 7.94 -17.48 -1.80
CA LEU A 408 8.55 -16.24 -1.36
C LEU A 408 9.99 -16.47 -0.90
N ALA A 409 10.24 -17.62 -0.27
CA ALA A 409 11.55 -17.90 0.29
C ALA A 409 12.58 -18.15 -0.82
N ASN A 410 12.18 -18.85 -1.89
CA ASN A 410 13.07 -19.01 -3.03
C ASN A 410 13.34 -17.65 -3.69
N TYR A 411 12.30 -16.84 -3.86
CA TYR A 411 12.46 -15.54 -4.52
C TYR A 411 13.40 -14.63 -3.73
N LEU A 412 13.16 -14.49 -2.42
CA LEU A 412 13.98 -13.63 -1.58
C LEU A 412 15.37 -14.20 -1.33
N LYS A 413 15.64 -15.42 -1.77
CA LYS A 413 16.90 -16.11 -1.51
C LYS A 413 17.17 -16.18 -0.01
N HIS A 414 16.26 -16.85 0.70
CA HIS A 414 16.37 -17.02 2.15
C HIS A 414 16.48 -18.50 2.46
N GLU A 415 17.59 -18.88 3.10
CA GLU A 415 17.85 -20.26 3.47
C GLU A 415 16.88 -20.78 4.53
N ALA A 416 15.61 -20.86 4.17
CA ALA A 416 14.56 -21.33 5.07
C ALA A 416 13.66 -22.33 4.34
N ILE A 417 13.98 -22.62 3.09
CA ILE A 417 13.21 -23.56 2.28
C ILE A 417 13.47 -24.99 2.74
N ALA A 418 14.66 -25.23 3.28
CA ALA A 418 15.01 -26.55 3.78
C ALA A 418 13.99 -26.98 4.81
N THR A 419 13.30 -25.98 5.38
CA THR A 419 12.29 -26.23 6.35
C THR A 419 10.97 -26.32 5.62
N LEU A 420 10.71 -25.42 4.70
CA LEU A 420 9.42 -25.41 4.00
C LEU A 420 9.35 -26.45 2.90
N LEU A 421 10.47 -26.72 2.22
CA LEU A 421 10.46 -27.68 1.12
C LEU A 421 11.00 -29.06 1.47
N GLN A 422 10.59 -29.59 2.62
CA GLN A 422 11.03 -30.91 3.05
C GLN A 422 10.11 -31.48 4.13
N SER A 423 8.89 -30.96 4.22
CA SER A 423 7.89 -31.37 5.21
C SER A 423 8.40 -31.19 6.66
N HIS A 424 8.17 -32.21 7.50
CA HIS A 424 8.54 -32.34 8.90
C HIS A 424 7.95 -31.28 9.82
N SER B 1 10.78 3.26 -47.61
CA SER B 1 11.84 2.83 -46.71
C SER B 1 11.34 1.79 -45.71
N VAL B 2 12.03 1.69 -44.58
CA VAL B 2 11.65 0.74 -43.53
C VAL B 2 11.37 1.45 -42.22
N ILE B 3 10.38 0.94 -41.48
CA ILE B 3 10.01 1.50 -40.22
C ILE B 3 10.27 0.48 -39.15
N HIS B 4 11.16 0.79 -38.22
CA HIS B 4 11.56 -0.11 -37.16
C HIS B 4 10.87 0.30 -35.85
N TYR B 5 9.90 -0.51 -35.44
CA TYR B 5 9.31 -0.39 -34.11
C TYR B 5 10.02 -1.35 -33.17
N LEU B 6 10.09 -0.97 -31.89
CA LEU B 6 10.85 -1.74 -30.91
C LEU B 6 10.14 -1.72 -29.58
N TRP B 7 9.98 -2.91 -28.99
CA TRP B 7 9.43 -3.04 -27.64
C TRP B 7 10.28 -4.01 -26.83
N VAL B 8 10.81 -3.53 -25.71
CA VAL B 8 11.61 -4.34 -24.81
C VAL B 8 10.80 -4.58 -23.55
N GLY B 9 10.49 -5.84 -23.27
CA GLY B 9 9.75 -6.22 -22.09
C GLY B 9 8.58 -7.12 -22.43
N LEU B 10 7.75 -7.37 -21.43
CA LEU B 10 6.58 -8.21 -21.63
C LEU B 10 5.47 -7.43 -22.31
N PRO B 11 4.65 -8.09 -23.12
CA PRO B 11 3.50 -7.41 -23.72
C PRO B 11 2.60 -6.79 -22.66
N THR B 12 2.21 -5.53 -22.89
CA THR B 12 1.38 -4.80 -21.94
C THR B 12 0.08 -5.53 -21.61
N LYS B 13 -0.38 -6.41 -22.50
CA LYS B 13 -1.56 -7.22 -22.19
C LYS B 13 -1.28 -8.13 -21.00
N MET B 14 -0.18 -8.88 -21.08
CA MET B 14 0.21 -9.80 -20.02
C MET B 14 0.85 -9.09 -18.83
N ASN B 15 1.12 -7.79 -18.94
CA ASN B 15 1.71 -7.03 -17.84
C ASN B 15 0.85 -5.82 -17.50
N SER B 16 -0.44 -6.07 -17.25
CA SER B 16 -1.39 -4.98 -17.04
C SER B 16 -1.13 -4.20 -15.76
N SER B 17 -0.20 -4.63 -14.91
CA SER B 17 0.04 -3.96 -13.64
C SER B 17 1.30 -3.12 -13.63
N ALA B 18 2.26 -3.40 -14.51
CA ALA B 18 3.50 -2.64 -14.57
C ALA B 18 3.66 -1.89 -15.89
N SER B 19 2.73 -2.03 -16.83
CA SER B 19 2.82 -1.37 -18.12
C SER B 19 1.49 -0.67 -18.42
N ILE B 20 1.55 0.27 -19.37
CA ILE B 20 0.38 0.99 -19.83
C ILE B 20 -0.28 0.21 -20.96
N ALA B 21 -1.61 0.06 -20.89
CA ALA B 21 -2.32 -0.72 -21.89
C ALA B 21 -2.16 -0.09 -23.26
N GLY B 22 -1.64 -0.86 -24.20
CA GLY B 22 -1.39 -0.35 -25.53
C GLY B 22 -0.20 0.58 -25.60
N HIS B 23 0.78 0.40 -24.72
CA HIS B 23 2.02 1.18 -24.79
C HIS B 23 2.97 0.60 -25.83
N ASP B 24 2.73 -0.62 -26.29
CA ASP B 24 3.59 -1.32 -27.22
C ASP B 24 2.97 -1.52 -28.59
N VAL B 25 1.64 -1.48 -28.70
CA VAL B 25 0.96 -1.87 -29.93
C VAL B 25 -0.01 -0.81 -30.45
N ALA B 26 -0.44 0.17 -29.66
CA ALA B 26 -1.43 1.13 -30.16
C ALA B 26 -0.86 1.99 -31.28
N GLY B 27 0.29 2.61 -31.04
CA GLY B 27 0.96 3.41 -32.03
C GLY B 27 1.25 2.69 -33.33
N PRO B 28 1.98 1.56 -33.26
CA PRO B 28 2.28 0.82 -34.49
C PRO B 28 1.06 0.32 -35.25
N ILE B 29 -0.01 -0.06 -34.55
CA ILE B 29 -1.21 -0.53 -35.23
C ILE B 29 -1.88 0.62 -35.99
N LYS B 30 -2.05 1.77 -35.33
CA LYS B 30 -2.65 2.92 -35.99
C LYS B 30 -1.81 3.38 -37.18
N MET B 31 -0.49 3.21 -37.11
CA MET B 31 0.36 3.55 -38.24
C MET B 31 0.01 2.72 -39.46
N ALA B 32 0.09 1.39 -39.34
CA ALA B 32 -0.30 0.52 -40.44
C ALA B 32 -1.75 0.75 -40.83
N LYS B 33 -2.62 1.01 -39.85
CA LYS B 33 -4.01 1.33 -40.16
C LYS B 33 -4.12 2.57 -41.04
N ALA B 34 -3.24 3.56 -40.82
CA ALA B 34 -3.27 4.78 -41.61
C ALA B 34 -2.57 4.65 -42.96
N LEU B 35 -1.53 3.80 -43.06
CA LEU B 35 -0.80 3.66 -44.31
C LEU B 35 -1.64 3.03 -45.42
N GLN B 36 -2.60 2.18 -45.07
CA GLN B 36 -3.50 1.53 -46.03
C GLN B 36 -4.81 2.28 -46.24
N SER B 37 -4.94 3.49 -45.69
CA SER B 37 -6.26 4.11 -45.61
C SER B 37 -6.76 4.64 -46.95
N GLN B 38 -5.86 5.00 -47.87
CA GLN B 38 -6.28 5.67 -49.10
C GLN B 38 -6.16 4.72 -50.30
N ALA B 39 -6.48 5.26 -51.48
CA ALA B 39 -6.32 4.57 -52.75
C ALA B 39 -4.90 4.71 -53.31
N GLN B 40 -3.90 4.76 -52.41
CA GLN B 40 -2.49 4.94 -52.72
C GLN B 40 -2.02 4.04 -53.86
N GLY B 41 -2.52 2.81 -53.87
CA GLY B 41 -2.13 1.82 -54.86
C GLY B 41 -1.72 0.55 -54.13
N LYS B 42 -0.56 0.00 -54.47
CA LYS B 42 -0.08 -1.14 -53.71
C LYS B 42 1.15 -0.87 -52.81
N PRO B 43 2.03 0.05 -53.23
CA PRO B 43 3.24 0.39 -52.48
C PRO B 43 2.94 0.89 -51.07
N ILE B 44 3.50 0.22 -50.07
CA ILE B 44 3.30 0.59 -48.68
C ILE B 44 4.55 0.31 -47.86
N ASN B 45 5.00 1.32 -47.11
CA ASN B 45 6.20 1.20 -46.28
C ASN B 45 6.14 0.00 -45.35
N PRO B 46 7.11 -0.91 -45.46
CA PRO B 46 7.21 -2.11 -44.64
C PRO B 46 7.43 -1.73 -43.18
N ILE B 47 6.64 -2.35 -42.30
CA ILE B 47 6.70 -2.08 -40.88
C ILE B 47 7.24 -3.32 -40.17
N LYS B 48 8.27 -3.14 -39.37
CA LYS B 48 8.85 -4.20 -38.56
C LYS B 48 8.61 -3.87 -37.09
N PHE B 49 8.36 -4.90 -36.29
CA PHE B 49 8.10 -4.75 -34.86
C PHE B 49 9.10 -5.66 -34.15
N TRP B 50 10.06 -5.05 -33.45
CA TRP B 50 11.13 -5.78 -32.78
C TRP B 50 10.78 -6.00 -31.32
N CYS B 51 10.80 -7.26 -30.91
CA CYS B 51 10.52 -7.64 -29.53
C CYS B 51 11.37 -8.85 -29.20
N LEU B 52 11.26 -9.33 -27.96
CA LEU B 52 11.94 -10.56 -27.59
C LEU B 52 11.23 -11.73 -28.27
N GLU B 53 12.02 -12.72 -28.70
CA GLU B 53 11.49 -13.78 -29.55
C GLU B 53 10.44 -14.63 -28.84
N GLN B 54 10.39 -14.60 -27.51
CA GLN B 54 9.40 -15.40 -26.79
C GLN B 54 7.98 -14.95 -27.13
N HIS B 55 7.79 -13.67 -27.41
CA HIS B 55 6.48 -13.10 -27.70
C HIS B 55 6.28 -12.82 -29.19
N GLN B 56 6.99 -13.55 -30.04
CA GLN B 56 6.75 -13.44 -31.48
C GLN B 56 5.38 -13.99 -31.86
N ASP B 57 5.06 -15.19 -31.39
CA ASP B 57 3.76 -15.80 -31.69
C ASP B 57 2.60 -14.99 -31.10
N PHE B 58 2.82 -14.37 -29.94
CA PHE B 58 1.78 -13.53 -29.35
C PHE B 58 1.55 -12.28 -30.18
N TYR B 59 2.63 -11.60 -30.56
CA TYR B 59 2.51 -10.36 -31.32
C TYR B 59 2.06 -10.63 -32.75
N GLN B 60 2.56 -11.71 -33.37
CA GLN B 60 2.14 -12.05 -34.71
C GLN B 60 0.65 -12.32 -34.77
N LYS B 61 0.09 -12.87 -33.69
CA LYS B 61 -1.35 -13.05 -33.60
C LYS B 61 -2.07 -11.72 -33.35
N LEU B 62 -1.46 -10.85 -32.54
CA LEU B 62 -2.11 -9.59 -32.18
C LEU B 62 -2.29 -8.70 -33.40
N PHE B 63 -1.23 -8.55 -34.20
CA PHE B 63 -1.33 -7.70 -35.37
C PHE B 63 -2.22 -8.33 -36.44
N ASN B 64 -2.28 -9.66 -36.48
CA ASN B 64 -3.13 -10.33 -37.45
C ASN B 64 -4.59 -10.36 -37.02
N ASP B 65 -4.85 -10.41 -35.70
CA ASP B 65 -6.23 -10.27 -35.24
C ASP B 65 -6.74 -8.85 -35.45
N ALA B 66 -5.86 -7.90 -35.73
CA ALA B 66 -6.21 -6.59 -36.24
C ALA B 66 -6.05 -6.58 -37.75
N GLY B 67 -6.50 -5.49 -38.37
CA GLY B 67 -6.40 -5.35 -39.81
C GLY B 67 -5.14 -4.66 -40.28
N VAL B 68 -3.98 -5.10 -39.79
CA VAL B 68 -2.72 -4.45 -40.14
C VAL B 68 -1.67 -5.49 -40.51
N THR B 69 -0.76 -5.10 -41.39
CA THR B 69 0.33 -5.93 -41.89
C THR B 69 1.62 -5.47 -41.24
N ILE B 70 2.15 -6.26 -40.30
CA ILE B 70 3.35 -5.91 -39.55
C ILE B 70 4.19 -7.17 -39.36
N GLU B 71 5.35 -7.24 -40.00
CA GLU B 71 6.27 -8.36 -39.83
C GLU B 71 6.98 -8.23 -38.48
N VAL B 72 6.69 -9.16 -37.57
CA VAL B 72 7.33 -9.16 -36.26
C VAL B 72 8.68 -9.87 -36.36
N CYS B 73 9.73 -9.25 -35.82
CA CYS B 73 11.06 -9.82 -35.81
C CYS B 73 11.54 -9.93 -34.37
N GLY B 74 12.54 -10.80 -34.15
CA GLY B 74 13.05 -11.06 -32.83
C GLY B 74 14.38 -10.34 -32.59
N ILE B 75 14.53 -9.81 -31.38
CA ILE B 75 15.79 -9.17 -30.99
C ILE B 75 16.91 -10.19 -31.00
N GLU B 76 16.68 -11.36 -30.41
CA GLU B 76 17.73 -12.36 -30.31
C GLU B 76 18.03 -13.02 -31.65
N GLU B 77 17.07 -13.10 -32.56
CA GLU B 77 17.33 -13.73 -33.85
C GLU B 77 18.31 -12.92 -34.69
N ILE B 78 18.17 -11.59 -34.70
CA ILE B 78 19.06 -10.76 -35.51
C ILE B 78 20.45 -10.67 -34.89
N ILE B 79 20.54 -10.77 -33.56
CA ILE B 79 21.85 -10.65 -32.93
C ILE B 79 22.68 -11.91 -33.17
N ARG B 80 22.02 -13.07 -33.26
CA ARG B 80 22.71 -14.31 -33.62
C ARG B 80 23.07 -14.36 -35.10
N GLN B 81 22.26 -13.75 -35.96
CA GLN B 81 22.60 -13.63 -37.37
C GLN B 81 23.63 -12.55 -37.65
N GLU B 82 23.90 -11.66 -36.70
CA GLU B 82 24.90 -10.60 -36.84
C GLU B 82 24.71 -9.78 -38.12
N ASP B 89 29.12 -6.84 -37.56
CA ASP B 89 29.44 -8.20 -37.18
C ASP B 89 29.79 -8.32 -35.70
N GLN B 90 30.40 -7.32 -35.13
CA GLN B 90 30.75 -7.38 -33.73
C GLN B 90 29.61 -6.80 -32.95
N ALA B 91 28.58 -7.61 -32.78
CA ALA B 91 27.40 -7.19 -32.08
C ALA B 91 27.34 -7.95 -30.80
N LEU B 92 28.43 -8.59 -30.44
CA LEU B 92 28.39 -9.30 -29.17
C LEU B 92 28.14 -8.33 -28.02
N PHE B 93 28.47 -7.06 -28.19
CA PHE B 93 28.18 -6.07 -27.16
C PHE B 93 26.69 -6.00 -26.88
N VAL B 94 25.86 -6.14 -27.91
CA VAL B 94 24.41 -6.09 -27.72
C VAL B 94 23.96 -7.27 -26.87
N GLN B 95 24.37 -8.49 -27.23
CA GLN B 95 23.98 -9.65 -26.45
C GLN B 95 24.68 -9.67 -25.10
N LYS B 96 25.91 -9.13 -25.02
CA LYS B 96 26.57 -8.99 -23.73
C LYS B 96 25.76 -8.09 -22.80
N PHE B 97 25.30 -6.95 -23.33
CA PHE B 97 24.40 -6.10 -22.56
C PHE B 97 23.07 -6.80 -22.30
N LEU B 98 22.62 -7.62 -23.26
CA LEU B 98 21.35 -8.32 -23.10
C LEU B 98 21.40 -9.28 -21.92
N ASN B 99 22.47 -10.08 -21.82
CA ASN B 99 22.54 -11.08 -20.76
C ASN B 99 22.82 -10.45 -19.41
N ASP B 100 23.72 -9.47 -19.35
CA ASP B 100 24.14 -8.86 -18.09
C ASP B 100 23.15 -7.83 -17.55
N ASN B 101 21.98 -7.69 -18.16
CA ASN B 101 20.99 -6.72 -17.70
C ASN B 101 19.58 -7.31 -17.71
N LEU B 102 19.29 -8.20 -18.65
CA LEU B 102 17.93 -8.65 -18.94
C LEU B 102 17.92 -10.17 -18.91
N PRO B 103 17.83 -10.78 -17.71
CA PRO B 103 17.68 -12.22 -17.56
C PRO B 103 16.24 -12.68 -17.76
N SER B 108 13.04 -6.84 -16.35
CA SER B 108 13.78 -6.62 -15.11
C SER B 108 13.44 -5.24 -14.54
N ASP B 109 14.44 -4.36 -14.49
CA ASP B 109 14.21 -2.96 -14.14
C ASP B 109 13.93 -2.18 -15.42
N ILE B 110 12.85 -1.40 -15.41
CA ILE B 110 12.41 -0.69 -16.62
C ILE B 110 13.55 0.18 -17.17
N LYS B 111 14.24 0.90 -16.29
CA LYS B 111 15.33 1.76 -16.76
C LYS B 111 16.40 0.96 -17.48
N GLN B 112 16.67 -0.25 -16.99
CA GLN B 112 17.64 -1.12 -17.62
C GLN B 112 17.12 -1.51 -19.00
N ARG B 113 15.81 -1.46 -19.14
CA ARG B 113 15.16 -1.79 -20.36
C ARG B 113 15.32 -0.65 -21.35
N VAL B 114 14.86 0.54 -20.96
CA VAL B 114 14.96 1.73 -21.80
C VAL B 114 16.40 1.94 -22.24
N MET B 115 17.36 1.58 -21.39
CA MET B 115 18.76 1.58 -21.80
C MET B 115 18.98 0.64 -22.99
N PHE B 116 18.46 -0.58 -22.90
CA PHE B 116 18.61 -1.52 -24.00
C PHE B 116 17.85 -1.07 -25.24
N LYS B 117 16.72 -0.38 -25.05
CA LYS B 117 16.01 0.19 -26.19
C LYS B 117 16.90 1.16 -26.95
N ASP B 118 17.55 2.07 -26.22
CA ASP B 118 18.49 3.01 -26.83
C ASP B 118 19.60 2.25 -27.54
N LEU B 119 20.17 1.23 -26.90
CA LEU B 119 21.29 0.50 -27.48
C LEU B 119 20.85 -0.29 -28.71
N PHE B 120 19.77 -1.06 -28.59
CA PHE B 120 19.34 -1.89 -29.72
C PHE B 120 18.86 -1.06 -30.90
N SER B 121 18.30 0.11 -30.66
CA SER B 121 17.86 0.96 -31.77
C SER B 121 19.05 1.42 -32.60
N LEU B 122 20.12 1.87 -31.94
CA LEU B 122 21.34 2.23 -32.66
C LEU B 122 21.90 1.03 -33.42
N PHE B 123 21.94 -0.13 -32.75
CA PHE B 123 22.37 -1.36 -33.43
C PHE B 123 21.51 -1.65 -34.65
N LEU B 124 20.21 -1.35 -34.55
CA LEU B 124 19.28 -1.72 -35.61
C LEU B 124 19.55 -0.93 -36.89
N LEU B 125 19.70 0.40 -36.77
CA LEU B 125 19.96 1.23 -37.93
C LEU B 125 21.32 0.94 -38.54
N VAL B 126 22.27 0.39 -37.77
CA VAL B 126 23.54 -0.03 -38.34
C VAL B 126 23.34 -1.24 -39.24
N CYS B 127 22.52 -2.20 -38.81
CA CYS B 127 22.31 -3.42 -39.59
C CYS B 127 21.33 -3.19 -40.73
N GLN B 128 20.16 -2.63 -40.43
CA GLN B 128 19.11 -2.47 -41.42
C GLN B 128 18.74 -1.00 -41.53
N PRO B 129 18.96 -0.35 -42.68
CA PRO B 129 18.69 1.08 -42.78
C PRO B 129 17.19 1.36 -42.82
N GLY B 130 16.85 2.62 -42.58
CA GLY B 130 15.47 3.05 -42.57
C GLY B 130 15.13 3.90 -41.37
N TYR B 131 13.87 3.89 -40.97
CA TYR B 131 13.39 4.69 -39.85
C TYR B 131 13.29 3.85 -38.58
N PHE B 132 13.25 4.56 -37.46
CA PHE B 132 12.97 3.96 -36.16
C PHE B 132 12.02 4.87 -35.39
N LEU B 133 11.01 4.29 -34.79
CA LEU B 133 10.07 5.06 -34.02
C LEU B 133 9.70 4.30 -32.78
N ASP B 134 9.39 5.03 -31.72
CA ASP B 134 8.93 4.47 -30.49
C ASP B 134 7.49 4.10 -30.69
N THR B 135 6.99 3.13 -29.96
CA THR B 135 5.61 2.76 -30.11
C THR B 135 4.75 3.91 -29.70
N ASN B 136 5.38 4.98 -29.25
CA ASN B 136 4.66 6.18 -28.82
C ASN B 136 4.45 7.12 -29.97
N VAL B 137 5.08 6.81 -31.09
CA VAL B 137 4.98 7.66 -32.25
C VAL B 137 3.82 7.22 -33.09
N PHE B 138 2.80 8.04 -33.04
CA PHE B 138 1.55 7.83 -33.75
C PHE B 138 1.55 8.61 -35.06
N PRO B 139 0.59 8.34 -35.94
CA PRO B 139 0.37 9.24 -37.07
C PRO B 139 -0.15 10.59 -36.59
N ALA B 140 0.18 11.64 -37.35
CA ALA B 140 -0.29 12.97 -36.99
C ALA B 140 -1.77 13.12 -37.31
N THR B 141 -2.41 14.06 -36.61
CA THR B 141 -3.85 14.25 -36.73
C THR B 141 -4.19 14.96 -38.03
N ASP B 142 -5.09 14.36 -38.80
CA ASP B 142 -5.65 14.92 -40.04
C ASP B 142 -4.60 15.26 -41.09
N ARG B 143 -3.37 14.76 -40.93
CA ARG B 143 -2.31 15.00 -41.89
C ARG B 143 -2.03 13.73 -42.69
N GLU B 144 -1.12 13.84 -43.64
CA GLU B 144 -0.73 12.73 -44.50
C GLU B 144 0.66 12.26 -44.10
N ILE B 145 0.82 10.96 -43.94
CA ILE B 145 2.10 10.38 -43.55
C ILE B 145 3.00 10.32 -44.77
N ASN B 146 4.19 10.91 -44.65
CA ASN B 146 5.15 10.96 -45.76
C ASN B 146 6.51 10.64 -45.15
N LEU B 147 6.99 9.42 -45.37
CA LEU B 147 8.23 8.92 -44.80
C LEU B 147 9.18 8.51 -45.93
N PRO B 148 9.87 9.48 -46.54
CA PRO B 148 10.75 9.16 -47.68
C PRO B 148 12.06 8.53 -47.24
N GLY B 149 13.00 8.38 -48.17
CA GLY B 149 14.31 7.86 -47.85
C GLY B 149 15.39 8.86 -48.21
N ARG B 150 16.05 9.42 -47.19
CA ARG B 150 16.98 10.50 -47.41
C ARG B 150 18.41 9.96 -47.55
N ASP B 151 19.40 10.80 -47.26
CA ASP B 151 20.79 10.50 -47.58
C ASP B 151 21.73 10.56 -46.38
N THR B 152 21.29 11.11 -45.25
CA THR B 152 22.12 11.21 -44.06
C THR B 152 21.41 10.60 -42.87
N VAL B 153 22.19 10.33 -41.82
CA VAL B 153 21.63 9.92 -40.54
C VAL B 153 21.04 11.16 -39.86
N ALA B 154 19.75 11.12 -39.57
CA ALA B 154 19.07 12.28 -39.01
C ALA B 154 18.00 11.82 -38.02
N THR B 155 17.81 12.62 -36.98
CA THR B 155 16.85 12.32 -35.92
C THR B 155 15.86 13.46 -35.77
N ALA B 156 14.96 13.29 -34.85
CA ALA B 156 14.00 14.32 -34.55
C ALA B 156 14.54 15.22 -33.47
N LYS B 157 13.78 16.23 -33.12
CA LYS B 157 14.19 17.19 -32.11
C LYS B 157 13.64 16.83 -30.76
N SER B 158 14.48 16.94 -29.73
CA SER B 158 14.06 16.62 -28.38
C SER B 158 12.97 17.57 -27.90
N GLY B 159 12.06 17.04 -27.08
CA GLY B 159 10.97 17.83 -26.55
C GLY B 159 11.47 19.09 -25.85
N PHE B 160 12.46 18.91 -24.98
CA PHE B 160 13.04 20.03 -24.25
C PHE B 160 14.34 20.47 -24.91
N GLN B 161 14.92 21.56 -24.39
CA GLN B 161 16.17 22.12 -24.92
C GLN B 161 16.14 22.30 -26.44
N LYS B 162 17.24 21.93 -27.09
CA LYS B 162 17.36 22.06 -28.53
C LYS B 162 18.48 21.17 -29.09
N SER B 163 18.22 19.87 -29.18
CA SER B 163 19.20 18.92 -29.69
C SER B 163 18.51 17.66 -30.16
N ASN B 164 19.31 16.69 -30.54
CA ASN B 164 18.76 15.44 -31.04
C ASN B 164 18.09 14.54 -29.99
N ASP B 165 17.48 13.45 -30.46
CA ASP B 165 16.74 12.60 -29.55
C ASP B 165 16.56 11.22 -30.15
N PHE B 166 16.31 10.24 -29.28
CA PHE B 166 16.23 8.83 -29.67
C PHE B 166 14.89 8.42 -30.27
N TYR B 167 13.80 9.17 -30.01
CA TYR B 167 12.47 8.67 -30.32
C TYR B 167 12.18 8.59 -31.81
N LEU B 168 12.99 9.21 -32.66
CA LEU B 168 12.80 9.12 -34.11
C LEU B 168 14.16 9.32 -34.76
N MET B 169 14.60 8.30 -35.49
CA MET B 169 15.92 8.31 -36.11
C MET B 169 15.83 7.76 -37.52
N TYR B 170 16.92 7.95 -38.27
CA TYR B 170 16.99 7.48 -39.64
C TYR B 170 18.44 7.14 -39.99
N SER B 171 18.61 6.09 -40.79
CA SER B 171 19.89 5.72 -41.35
C SER B 171 19.66 5.37 -42.82
N PRO B 172 20.53 5.85 -43.72
CA PRO B 172 20.27 5.67 -45.15
C PRO B 172 20.91 4.43 -45.74
N GLN B 173 22.04 3.99 -45.19
CA GLN B 173 22.77 2.85 -45.71
C GLN B 173 23.18 1.93 -44.58
N ARG B 174 23.39 0.65 -44.92
CA ARG B 174 23.92 -0.29 -43.96
C ARG B 174 25.35 0.11 -43.57
N ASN B 175 25.60 0.16 -42.26
CA ASN B 175 26.90 0.52 -41.72
C ASN B 175 27.37 1.87 -42.27
N ASP B 176 26.57 2.89 -41.99
CA ASP B 176 26.96 4.25 -42.34
C ASP B 176 28.10 4.72 -41.43
N SER B 177 29.08 5.40 -42.03
CA SER B 177 30.25 5.84 -41.29
C SER B 177 29.92 6.87 -40.22
N GLN B 178 28.67 7.33 -40.15
CA GLN B 178 28.19 8.22 -39.08
C GLN B 178 27.31 7.51 -38.08
N MET B 179 26.41 6.63 -38.54
CA MET B 179 25.57 5.86 -37.62
C MET B 179 26.40 4.91 -36.78
N SER B 180 27.35 4.22 -37.40
CA SER B 180 28.22 3.30 -36.65
C SER B 180 28.99 4.05 -35.57
N GLU B 181 29.44 5.27 -35.87
CA GLU B 181 30.20 6.05 -34.89
C GLU B 181 29.34 6.47 -33.71
N ILE B 182 28.07 6.80 -33.96
CA ILE B 182 27.17 7.15 -32.86
C ILE B 182 26.99 5.94 -31.93
N PHE B 183 26.95 4.75 -32.50
CA PHE B 183 26.83 3.53 -31.69
C PHE B 183 28.00 3.38 -30.74
N ASP B 184 29.22 3.65 -31.23
CA ASP B 184 30.41 3.46 -30.41
C ASP B 184 30.47 4.45 -29.24
N ILE B 185 29.93 5.66 -29.41
CA ILE B 185 29.92 6.61 -28.31
C ILE B 185 29.01 6.12 -27.19
N TRP B 186 27.90 5.48 -27.56
CA TRP B 186 27.03 4.86 -26.57
C TRP B 186 27.64 3.59 -25.99
N ALA B 187 28.39 2.85 -26.81
CA ALA B 187 28.81 1.50 -26.43
C ALA B 187 29.83 1.49 -25.30
N ARG B 188 30.56 2.58 -25.07
CA ARG B 188 31.53 2.58 -23.97
C ARG B 188 31.29 3.69 -22.96
N ASN B 189 30.18 4.43 -23.07
CA ASN B 189 29.69 5.28 -21.99
C ASN B 189 28.18 5.03 -21.90
N PRO B 190 27.78 3.84 -21.44
CA PRO B 190 26.35 3.53 -21.36
C PRO B 190 25.70 4.18 -20.14
N SER B 191 24.54 4.80 -20.36
CA SER B 191 23.80 5.44 -19.29
C SER B 191 22.36 5.65 -19.76
N PHE B 192 21.53 6.16 -18.86
CA PHE B 192 20.09 6.26 -19.10
C PHE B 192 19.83 7.51 -19.93
N GLY B 193 19.57 7.32 -21.21
CA GLY B 193 19.30 8.47 -22.07
C GLY B 193 20.53 9.29 -22.35
N ASN B 194 21.66 8.64 -22.64
CA ASN B 194 22.89 9.36 -22.97
C ASN B 194 22.69 10.05 -24.31
N LEU B 195 22.35 11.34 -24.26
CA LEU B 195 22.08 12.11 -25.46
C LEU B 195 23.33 12.70 -26.10
N LEU B 196 24.50 12.46 -25.52
CA LEU B 196 25.74 13.02 -26.04
C LEU B 196 26.37 12.16 -27.13
N CYS B 197 25.78 11.00 -27.43
CA CYS B 197 26.25 10.21 -28.57
C CYS B 197 25.94 10.92 -29.89
N PHE B 198 24.89 11.74 -29.91
CA PHE B 198 24.55 12.53 -31.10
C PHE B 198 25.50 13.69 -31.31
N SER B 199 26.18 14.16 -30.26
CA SER B 199 27.14 15.24 -30.37
C SER B 199 28.46 14.82 -31.02
N GLY B 200 28.66 13.52 -31.27
CA GLY B 200 29.85 13.09 -31.98
C GLY B 200 29.89 13.46 -33.44
N SER B 201 28.87 14.16 -33.92
CA SER B 201 28.85 14.77 -35.24
C SER B 201 27.78 15.86 -35.18
N HIS B 202 27.25 16.23 -36.33
CA HIS B 202 26.03 17.05 -36.39
C HIS B 202 25.09 16.24 -37.27
N VAL B 203 24.36 15.32 -36.66
CA VAL B 203 23.36 14.60 -37.43
C VAL B 203 22.27 15.59 -37.82
N PRO B 204 21.90 15.66 -39.11
CA PRO B 204 20.81 16.58 -39.49
C PRO B 204 19.56 16.33 -38.67
N TYR B 205 18.65 17.30 -38.66
CA TYR B 205 17.47 17.22 -37.83
C TYR B 205 16.26 16.96 -38.73
N ILE B 206 15.31 16.20 -38.21
CA ILE B 206 14.08 15.88 -38.92
C ILE B 206 12.94 16.62 -38.24
N GLU B 207 12.17 17.35 -39.04
CA GLU B 207 10.97 18.02 -38.54
C GLU B 207 9.86 16.99 -38.43
N ILE B 208 9.42 16.74 -37.19
CA ILE B 208 8.45 15.69 -36.94
C ILE B 208 7.14 15.95 -37.68
N GLU B 209 6.79 17.23 -37.89
CA GLU B 209 5.56 17.55 -38.59
C GLU B 209 5.63 17.22 -40.08
N ASP B 210 6.82 17.37 -40.69
CA ASP B 210 6.97 17.12 -42.11
C ASP B 210 6.86 15.64 -42.48
N LEU B 211 6.88 14.74 -41.51
CA LEU B 211 6.67 13.33 -41.79
C LEU B 211 5.22 12.91 -41.67
N GLY B 212 4.37 13.71 -41.04
CA GLY B 212 3.00 13.30 -40.79
C GLY B 212 2.82 12.39 -39.59
N VAL B 213 3.80 12.32 -38.70
CA VAL B 213 3.73 11.50 -37.50
C VAL B 213 4.00 12.38 -36.29
N GLN B 214 3.49 11.95 -35.14
CA GLN B 214 3.65 12.73 -33.92
C GLN B 214 3.98 11.86 -32.72
N LYS B 215 4.80 12.38 -31.83
CA LYS B 215 5.22 11.67 -30.65
C LYS B 215 4.52 12.09 -29.38
N ILE B 216 4.17 11.11 -28.57
CA ILE B 216 3.57 11.40 -27.30
C ILE B 216 4.51 10.87 -26.25
N SER B 217 4.46 11.46 -25.08
CA SER B 217 5.36 11.04 -24.03
C SER B 217 4.62 10.53 -22.83
N TYR B 218 4.83 9.27 -22.49
CA TYR B 218 4.17 8.67 -21.34
C TYR B 218 5.05 8.67 -20.11
N LYS B 219 6.35 8.78 -20.31
CA LYS B 219 7.34 8.78 -19.23
C LYS B 219 7.11 7.58 -18.38
N SER B 220 7.21 6.45 -19.02
CA SER B 220 6.97 5.17 -18.42
C SER B 220 7.99 4.70 -17.47
N TYR B 221 8.94 5.54 -17.10
CA TYR B 221 9.93 5.08 -16.18
C TYR B 221 10.08 6.08 -15.09
N TRP B 222 8.96 6.62 -14.62
CA TRP B 222 8.98 7.60 -13.54
C TRP B 222 8.49 6.91 -12.28
N GLY B 223 8.48 5.59 -12.32
CA GLY B 223 8.04 4.77 -11.22
C GLY B 223 6.75 5.13 -10.54
N ALA B 224 5.95 6.00 -11.12
CA ALA B 224 4.71 6.33 -10.42
C ALA B 224 3.49 6.28 -11.33
N LYS B 225 3.60 5.70 -12.52
CA LYS B 225 2.51 5.79 -13.47
C LYS B 225 1.32 4.93 -13.03
N LEU B 226 0.26 4.99 -13.82
CA LEU B 226 -0.97 4.22 -13.71
C LEU B 226 -0.89 2.98 -14.59
N PRO B 227 -1.44 1.84 -14.15
CA PRO B 227 -1.27 0.61 -14.91
C PRO B 227 -2.39 0.34 -15.89
N GLY B 228 -2.04 -0.39 -16.96
CA GLY B 228 -3.02 -0.85 -17.92
C GLY B 228 -3.92 0.24 -18.45
N LEU B 229 -5.24 0.01 -18.34
CA LEU B 229 -6.23 0.96 -18.84
C LEU B 229 -6.47 2.13 -17.90
N PHE B 230 -5.97 2.08 -16.67
CA PHE B 230 -6.15 3.19 -15.74
C PHE B 230 -5.44 4.46 -16.22
N PHE B 231 -4.34 4.31 -16.95
CA PHE B 231 -3.66 5.46 -17.52
C PHE B 231 -4.56 6.20 -18.50
N TRP B 232 -5.42 5.47 -19.22
CA TRP B 232 -6.32 6.08 -20.19
C TRP B 232 -7.62 6.55 -19.56
N LEU B 233 -8.11 5.86 -18.53
CA LEU B 233 -9.31 6.30 -17.84
C LEU B 233 -9.11 7.65 -17.16
N GLU B 234 -7.89 7.92 -16.69
CA GLU B 234 -7.61 9.18 -16.04
C GLU B 234 -7.53 10.33 -17.03
N ARG B 235 -7.27 10.05 -18.31
CA ARG B 235 -7.23 11.09 -19.32
C ARG B 235 -8.61 11.68 -19.60
N ASN B 236 -9.68 11.00 -19.16
CA ASN B 236 -11.05 11.50 -19.22
C ASN B 236 -11.58 11.68 -20.63
N ASN B 237 -10.73 11.49 -21.64
CA ASN B 237 -11.16 11.50 -23.03
C ASN B 237 -11.89 10.19 -23.33
N ARG B 238 -13.21 10.25 -23.45
CA ARG B 238 -13.97 9.06 -23.81
C ARG B 238 -13.48 8.45 -25.11
N GLN B 239 -13.02 9.28 -26.05
CA GLN B 239 -12.40 8.77 -27.26
C GLN B 239 -11.13 7.99 -26.96
N LEU B 240 -10.26 8.55 -26.12
CA LEU B 240 -8.95 7.94 -25.88
C LEU B 240 -9.08 6.58 -25.19
N PHE B 241 -10.00 6.46 -24.23
CA PHE B 241 -10.18 5.16 -23.59
C PHE B 241 -10.80 4.17 -24.55
N GLU B 242 -11.90 4.56 -25.21
CA GLU B 242 -12.54 3.67 -26.18
C GLU B 242 -11.58 3.29 -27.29
N GLU B 243 -10.65 4.16 -27.63
CA GLU B 243 -9.67 3.86 -28.67
C GLU B 243 -8.71 2.76 -28.21
N ASN B 244 -8.20 2.89 -26.98
CA ASN B 244 -7.19 1.98 -26.46
C ASN B 244 -7.76 0.80 -25.70
N LEU B 245 -9.06 0.80 -25.41
CA LEU B 245 -9.74 -0.30 -24.71
C LEU B 245 -9.50 -1.67 -25.35
N PRO B 246 -9.36 -1.79 -26.67
CA PRO B 246 -8.97 -3.10 -27.23
C PRO B 246 -7.68 -3.66 -26.65
N TYR B 247 -6.76 -2.82 -26.17
CA TYR B 247 -5.43 -3.26 -25.76
C TYR B 247 -5.34 -3.58 -24.28
N GLY B 248 -6.47 -3.79 -23.61
CA GLY B 248 -6.45 -4.14 -22.20
C GLY B 248 -7.56 -5.08 -21.82
N ASP B 249 -8.12 -4.89 -20.62
CA ASP B 249 -9.24 -5.68 -20.15
C ASP B 249 -10.09 -4.78 -19.26
N ILE B 250 -11.34 -4.55 -19.66
CA ILE B 250 -12.22 -3.71 -18.86
C ILE B 250 -12.55 -4.33 -17.52
N ASN B 251 -12.27 -5.62 -17.34
CA ASN B 251 -12.61 -6.35 -16.13
C ASN B 251 -11.39 -6.71 -15.30
N GLN B 252 -10.20 -6.22 -15.68
CA GLN B 252 -8.99 -6.55 -14.93
C GLN B 252 -9.09 -6.06 -13.50
N GLN B 253 -8.66 -6.91 -12.57
CA GLN B 253 -8.63 -6.56 -11.15
C GLN B 253 -7.19 -6.26 -10.74
N LEU B 254 -7.02 -5.15 -10.02
CA LEU B 254 -5.70 -4.71 -9.61
C LEU B 254 -5.80 -4.04 -8.24
N ALA B 255 -4.72 -4.09 -7.49
CA ALA B 255 -4.61 -3.32 -6.26
C ALA B 255 -4.31 -1.88 -6.65
N CYS B 256 -5.32 -1.04 -6.64
CA CYS B 256 -5.21 0.34 -7.13
C CYS B 256 -5.02 1.24 -5.92
N SER B 257 -3.77 1.37 -5.49
CA SER B 257 -3.44 2.20 -4.33
C SER B 257 -3.65 3.68 -4.59
N PHE B 258 -3.70 4.09 -5.86
CA PHE B 258 -3.95 5.50 -6.16
C PHE B 258 -5.40 5.85 -5.91
N SER B 259 -6.31 4.88 -6.02
CA SER B 259 -7.74 5.12 -5.78
C SER B 259 -7.94 5.31 -4.29
N ARG B 260 -7.73 6.55 -3.83
CA ARG B 260 -7.94 6.91 -2.44
C ARG B 260 -8.96 8.03 -2.34
N LYS B 261 -9.58 8.16 -1.17
CA LYS B 261 -10.58 9.20 -0.94
C LYS B 261 -10.56 9.68 0.51
N SER B 262 -11.16 10.85 0.74
CA SER B 262 -11.21 11.42 2.09
C SER B 262 -12.49 10.99 2.80
N LEU B 263 -12.89 11.77 3.81
CA LEU B 263 -14.09 11.47 4.58
C LEU B 263 -14.61 12.70 5.30
N ALA B 264 -13.89 13.82 5.18
CA ALA B 264 -14.27 15.06 5.82
C ALA B 264 -14.68 16.12 4.79
N PRO B 265 -13.74 17.02 4.46
CA PRO B 265 -13.99 18.10 3.49
C PRO B 265 -14.07 17.57 2.06
N MET B 282 -7.60 29.15 20.47
CA MET B 282 -8.50 28.19 19.84
C MET B 282 -9.38 28.87 18.78
N PRO B 283 -9.02 28.68 17.50
CA PRO B 283 -9.74 29.35 16.41
C PRO B 283 -11.07 28.72 16.03
N PHE B 284 -11.58 29.14 14.88
CA PHE B 284 -12.73 28.52 14.21
C PHE B 284 -12.22 27.88 12.93
N THR B 285 -12.37 26.57 12.79
CA THR B 285 -11.88 25.87 11.61
C THR B 285 -12.93 25.11 10.79
N THR B 286 -14.21 25.38 11.07
CA THR B 286 -15.32 24.72 10.39
C THR B 286 -15.18 23.19 10.45
N ASN B 287 -15.07 22.56 9.29
CA ASN B 287 -14.95 21.11 9.21
C ASN B 287 -13.49 20.63 9.19
N GLU B 288 -12.73 21.00 10.22
CA GLU B 288 -11.32 20.62 10.32
C GLU B 288 -10.44 20.99 9.09
N ALA B 289 -9.37 20.25 8.89
CA ALA B 289 -8.45 20.52 7.77
C ALA B 289 -7.99 21.97 7.63
N VAL B 301 -6.15 20.62 13.41
CA VAL B 301 -7.27 20.96 14.27
C VAL B 301 -8.43 20.01 14.03
N ASN B 302 -9.07 19.54 15.09
CA ASN B 302 -10.21 18.66 14.89
C ASN B 302 -11.28 18.94 15.92
N LYS B 303 -12.34 19.58 15.49
CA LYS B 303 -13.42 19.97 16.39
C LYS B 303 -13.97 18.90 17.31
N THR B 304 -14.34 17.75 16.77
CA THR B 304 -14.92 16.70 17.58
C THR B 304 -14.02 16.16 18.67
N THR B 305 -12.72 16.21 18.43
CA THR B 305 -11.78 15.73 19.43
C THR B 305 -11.03 16.91 19.97
N LYS B 306 -9.80 16.72 20.39
CA LYS B 306 -9.05 17.83 20.92
C LYS B 306 -8.18 18.51 19.86
N GLU B 307 -7.10 17.83 19.45
CA GLU B 307 -6.11 18.29 18.46
C GLU B 307 -5.25 19.50 18.86
N CYS B 308 -4.00 19.21 19.22
CA CYS B 308 -3.05 20.23 19.65
C CYS B 308 -1.99 20.52 18.61
N VAL B 309 -2.06 19.85 17.47
CA VAL B 309 -1.04 20.05 16.45
C VAL B 309 -1.54 20.65 15.15
N LEU B 342 -7.99 18.99 -2.70
CA LEU B 342 -6.72 18.75 -2.03
C LEU B 342 -6.43 17.26 -1.90
N ILE B 343 -5.22 16.87 -2.27
CA ILE B 343 -4.82 15.49 -2.22
C ILE B 343 -3.61 15.32 -1.32
N ARG B 344 -2.64 16.23 -1.43
CA ARG B 344 -1.43 16.19 -0.61
C ARG B 344 -1.83 16.13 0.84
N SER B 345 -1.82 14.91 1.36
CA SER B 345 -2.24 14.67 2.73
C SER B 345 -1.29 13.75 3.44
N LEU B 346 -0.28 13.26 2.73
CA LEU B 346 0.70 12.37 3.33
C LEU B 346 1.35 13.06 4.52
N ASP B 347 0.82 12.83 5.71
CA ASP B 347 1.36 13.49 6.87
C ASP B 347 1.54 12.50 8.01
N ASN B 348 2.14 12.91 9.12
CA ASN B 348 2.41 11.93 10.18
C ASN B 348 1.11 11.40 10.79
N PRO B 352 -7.53 12.67 10.20
CA PRO B 352 -7.69 12.63 8.75
C PRO B 352 -7.70 11.20 8.26
N SER B 353 -8.86 10.58 8.11
CA SER B 353 -8.92 9.20 7.68
C SER B 353 -9.44 9.05 6.28
N TYR B 354 -8.95 8.05 5.57
CA TYR B 354 -9.35 7.81 4.21
C TYR B 354 -9.45 6.35 3.83
N ILE B 355 -10.02 6.09 2.66
CA ILE B 355 -10.19 4.73 2.17
C ILE B 355 -9.29 4.53 0.96
N VAL B 356 -8.77 3.31 0.82
CA VAL B 356 -7.85 2.94 -0.25
C VAL B 356 -8.17 1.53 -0.72
N ASN B 357 -8.17 1.34 -2.04
CA ASN B 357 -8.26 -0.01 -2.59
C ASN B 357 -6.96 -0.76 -2.34
N ILE B 358 -7.06 -1.91 -1.69
CA ILE B 358 -5.89 -2.74 -1.42
C ILE B 358 -5.83 -4.01 -2.28
N ALA B 359 -6.94 -4.44 -2.87
CA ALA B 359 -6.90 -5.67 -3.65
C ALA B 359 -8.07 -5.73 -4.61
N ASP B 360 -7.79 -6.12 -5.85
CA ASP B 360 -8.80 -6.51 -6.84
C ASP B 360 -9.78 -5.38 -7.15
N GLY B 361 -9.27 -4.16 -7.27
CA GLY B 361 -10.09 -3.08 -7.76
C GLY B 361 -10.14 -3.07 -9.29
N THR B 362 -11.18 -2.44 -9.81
CA THR B 362 -11.43 -2.38 -11.25
C THR B 362 -11.53 -0.94 -11.72
N LEU B 363 -11.63 -0.77 -13.04
CA LEU B 363 -11.89 0.56 -13.59
C LEU B 363 -13.20 1.11 -13.07
N LEU B 364 -14.26 0.29 -13.11
CA LEU B 364 -15.55 0.72 -12.57
C LEU B 364 -15.44 1.11 -11.11
N HIS B 365 -14.73 0.32 -10.31
CA HIS B 365 -14.53 0.64 -8.90
C HIS B 365 -13.88 2.01 -8.73
N HIS B 366 -12.79 2.26 -9.48
CA HIS B 366 -12.13 3.56 -9.39
C HIS B 366 -13.07 4.67 -9.82
N ALA B 367 -13.84 4.46 -10.89
CA ALA B 367 -14.82 5.44 -11.32
C ALA B 367 -15.86 5.68 -10.24
N VAL B 368 -16.30 4.61 -9.57
CA VAL B 368 -17.26 4.75 -8.48
C VAL B 368 -16.65 5.55 -7.33
N LEU B 369 -15.39 5.27 -6.99
CA LEU B 369 -14.73 5.99 -5.91
C LEU B 369 -14.54 7.46 -6.28
N SER B 370 -14.06 7.72 -7.50
CA SER B 370 -13.77 9.09 -7.92
C SER B 370 -15.04 9.91 -8.17
N ASN B 371 -16.22 9.34 -8.01
CA ASN B 371 -17.49 10.02 -8.24
C ASN B 371 -17.53 10.63 -9.64
N ASN B 372 -17.20 9.82 -10.63
CA ASN B 372 -17.18 10.22 -12.04
C ASN B 372 -18.32 9.46 -12.72
N ILE B 373 -19.51 10.06 -12.70
CA ILE B 373 -20.69 9.38 -13.24
C ILE B 373 -20.52 9.09 -14.72
N LYS B 374 -19.89 10.01 -15.45
CA LYS B 374 -19.64 9.79 -16.87
C LYS B 374 -18.78 8.56 -17.11
N GLN B 375 -17.76 8.36 -16.26
CA GLN B 375 -16.92 7.17 -16.40
C GLN B 375 -17.68 5.91 -16.01
N VAL B 376 -18.50 5.99 -14.96
CA VAL B 376 -19.37 4.87 -14.62
C VAL B 376 -20.30 4.56 -15.78
N ILE B 377 -20.79 5.60 -16.46
CA ILE B 377 -21.70 5.40 -17.57
C ILE B 377 -20.95 4.88 -18.79
N MET B 378 -19.77 5.44 -19.08
CA MET B 378 -18.99 4.97 -20.22
C MET B 378 -18.55 3.52 -20.03
N LEU B 379 -18.10 3.18 -18.83
CA LEU B 379 -17.63 1.82 -18.59
C LEU B 379 -18.77 0.81 -18.63
N LEU B 380 -19.91 1.14 -18.01
CA LEU B 380 -21.03 0.20 -18.00
C LEU B 380 -21.52 -0.11 -19.40
N GLU B 381 -21.42 0.86 -20.32
CA GLU B 381 -21.82 0.61 -21.70
C GLU B 381 -20.81 -0.25 -22.43
N LEU B 382 -19.52 0.01 -22.23
CA LEU B 382 -18.47 -0.71 -22.94
C LEU B 382 -18.30 -2.16 -22.49
N GLY B 383 -19.06 -2.61 -21.48
CA GLY B 383 -19.10 -4.02 -21.14
C GLY B 383 -18.54 -4.39 -19.78
N ALA B 384 -18.25 -3.39 -18.95
CA ALA B 384 -17.62 -3.64 -17.67
C ALA B 384 -18.56 -4.39 -16.72
N LYS B 385 -18.02 -5.41 -16.05
CA LYS B 385 -18.78 -6.10 -15.02
C LYS B 385 -19.02 -5.19 -13.82
N PHE B 386 -20.21 -5.30 -13.24
CA PHE B 386 -20.68 -4.38 -12.22
C PHE B 386 -20.87 -5.03 -10.85
N ASP B 387 -20.50 -6.30 -10.70
CA ASP B 387 -20.73 -7.00 -9.43
C ASP B 387 -19.50 -7.79 -9.00
N LEU B 388 -18.31 -7.33 -9.38
CA LEU B 388 -17.08 -7.92 -8.86
C LEU B 388 -16.76 -7.33 -7.50
N LYS B 389 -16.06 -8.10 -6.67
CA LYS B 389 -15.72 -7.69 -5.32
C LYS B 389 -14.30 -7.16 -5.26
N ALA B 390 -14.13 -6.04 -4.56
CA ALA B 390 -12.84 -5.41 -4.35
C ALA B 390 -12.64 -5.16 -2.86
N SER B 391 -11.38 -5.09 -2.46
CA SER B 391 -10.99 -4.95 -1.05
C SER B 391 -10.53 -3.52 -0.79
N TYR B 392 -11.14 -2.87 0.18
CA TYR B 392 -10.81 -1.51 0.52
C TYR B 392 -10.36 -1.42 1.96
N GLN B 393 -9.59 -0.41 2.30
CA GLN B 393 -9.08 -0.26 3.66
C GLN B 393 -9.06 1.16 4.17
N ILE B 394 -9.69 1.41 5.31
CA ILE B 394 -9.69 2.72 5.95
C ILE B 394 -8.29 2.88 6.44
N LYS B 395 -7.64 4.01 6.19
CA LYS B 395 -6.22 4.07 6.52
C LYS B 395 -5.68 4.03 7.91
N PRO B 396 -6.17 4.91 8.79
CA PRO B 396 -5.72 4.96 10.19
C PRO B 396 -6.12 3.71 10.95
N GLU B 397 -7.40 3.35 10.86
CA GLU B 397 -7.92 2.17 11.54
C GLU B 397 -8.01 0.99 10.58
N GLY B 398 -7.18 -0.01 10.81
CA GLY B 398 -7.15 -1.20 9.97
C GLY B 398 -8.52 -1.83 9.80
N THR B 399 -9.23 -1.45 8.74
CA THR B 399 -10.55 -1.98 8.46
C THR B 399 -10.66 -2.43 7.00
N VAL B 400 -10.90 -3.72 6.79
CA VAL B 400 -11.01 -4.28 5.45
C VAL B 400 -12.47 -4.51 5.07
N LEU B 401 -12.91 -3.84 4.01
CA LEU B 401 -14.28 -3.99 3.52
C LEU B 401 -14.30 -4.56 2.10
N LYS B 402 -15.10 -5.59 1.90
CA LYS B 402 -15.22 -6.23 0.60
C LYS B 402 -16.41 -5.61 -0.12
N PHE B 403 -16.16 -4.97 -1.25
CA PHE B 403 -17.16 -4.11 -1.88
C PHE B 403 -17.36 -4.48 -3.34
N THR B 404 -18.63 -4.58 -3.74
CA THR B 404 -18.99 -4.49 -5.14
C THR B 404 -19.02 -3.01 -5.54
N PRO B 405 -18.96 -2.71 -6.85
CA PRO B 405 -19.02 -1.29 -7.25
C PRO B 405 -20.22 -0.56 -6.70
N LEU B 406 -21.39 -1.21 -6.70
CA LEU B 406 -22.57 -0.61 -6.07
C LEU B 406 -22.37 -0.40 -4.58
N GLU B 407 -21.75 -1.37 -3.90
CA GLU B 407 -21.58 -1.27 -2.46
C GLU B 407 -20.60 -0.16 -2.10
N LEU B 408 -19.54 0.00 -2.88
CA LEU B 408 -18.65 1.14 -2.67
C LEU B 408 -19.41 2.46 -2.81
N ALA B 409 -20.37 2.51 -3.74
CA ALA B 409 -21.11 3.74 -3.99
C ALA B 409 -22.06 4.07 -2.84
N ASN B 410 -22.74 3.05 -2.31
CA ASN B 410 -23.60 3.27 -1.14
C ASN B 410 -22.77 3.67 0.08
N TYR B 411 -21.65 3.00 0.31
CA TYR B 411 -20.81 3.33 1.45
C TYR B 411 -20.26 4.75 1.34
N LEU B 412 -19.71 5.10 0.18
CA LEU B 412 -19.21 6.45 -0.02
C LEU B 412 -20.32 7.48 -0.15
N LYS B 413 -21.58 7.04 -0.21
CA LYS B 413 -22.73 7.92 -0.40
C LYS B 413 -22.58 8.78 -1.66
N HIS B 414 -22.69 8.10 -2.80
CA HIS B 414 -22.60 8.71 -4.12
C HIS B 414 -23.96 8.58 -4.79
N GLU B 415 -24.65 9.71 -4.88
CA GLU B 415 -26.09 9.74 -5.15
C GLU B 415 -26.45 9.07 -6.47
N ALA B 416 -25.96 9.63 -7.59
CA ALA B 416 -26.43 9.19 -8.89
C ALA B 416 -25.88 7.83 -9.28
N ILE B 417 -24.62 7.54 -8.95
CA ILE B 417 -24.02 6.31 -9.42
C ILE B 417 -24.58 5.10 -8.67
N ALA B 418 -25.01 5.28 -7.41
CA ALA B 418 -25.57 4.17 -6.66
C ALA B 418 -26.88 3.69 -7.29
N THR B 419 -27.77 4.64 -7.61
CA THR B 419 -29.01 4.31 -8.31
C THR B 419 -28.73 3.73 -9.69
N LEU B 420 -27.66 4.17 -10.34
CA LEU B 420 -27.36 3.70 -11.69
C LEU B 420 -26.89 2.25 -11.69
N LEU B 421 -26.21 1.82 -10.63
CA LEU B 421 -25.70 0.46 -10.54
C LEU B 421 -26.75 -0.51 -10.01
N GLN B 422 -27.64 0.00 -9.16
CA GLN B 422 -28.75 -0.79 -8.63
C GLN B 422 -29.71 -1.14 -9.76
N SER B 423 -29.93 -0.22 -10.69
CA SER B 423 -30.88 -0.47 -11.76
C SER B 423 -30.27 -1.29 -12.90
N HIS B 424 -28.94 -1.33 -13.03
CA HIS B 424 -28.29 -2.15 -14.04
C HIS B 424 -28.10 -3.60 -13.61
N ARG B 425 -28.41 -3.95 -12.36
CA ARG B 425 -28.36 -5.35 -11.94
C ARG B 425 -29.67 -6.09 -12.20
N ILE B 426 -30.78 -5.36 -12.37
CA ILE B 426 -32.05 -5.98 -12.68
C ILE B 426 -32.34 -5.83 -14.16
#